data_5WTG
#
_entry.id   5WTG
#
_cell.length_a   52.512
_cell.length_b   140.522
_cell.length_c   68.924
_cell.angle_alpha   90.00
_cell.angle_beta   110.36
_cell.angle_gamma   90.00
#
_symmetry.space_group_name_H-M   'P 1 21 1'
#
loop_
_entity.id
_entity.type
_entity.pdbx_description
1 polymer 'FAB Light chain'
2 polymer 'FAB Heavy chain'
#
loop_
_entity_poly.entity_id
_entity_poly.type
_entity_poly.pdbx_seq_one_letter_code
_entity_poly.pdbx_strand_id
1 'polypeptide(L)'
;DIVLTQSPAIMSASPGEKVTMTCSASSSVSYIHWYQQKSGTSPKRWIYDTSRLAFGVPGRFSGSGSGTSYSLTISSMEAE
DAATYYCQQWSSNYTFGGGTNLEIKRADAAPTVSIFPPSSEQLTSGGASVVCFLNNFYPKDINVKWKIDGSERQNGVLNS
WTDQDSKDSTYSMSSTLTLTKDEYERHNSYTCEATHKTSTSPIVKSFNRNEC
;
A,C
2 'polypeptide(L)'
;EVKLVESGGGSVKPGGSLKLSCAASGFSFSTYGMSWVRQTPEKRLEWVATISGGGGYTYYPDSVKGRFTISRDNARNILY
LQMSSLRSGDTAMYYCARRVTTVAEYYFDYWGQGTTLTVSSPKTTPPSVYPLAPASASTAASMVTLGCLVKGYFPEPVTV
TWNSGSLSSGVHTFPAVLQSDLYTLSSSVTVPSSTWPSETVTCNVAHPASSTKVDKKIVPR
;
B,D
#
# COMPACT_ATOMS: atom_id res chain seq x y z
N ASP A 1 2.56 -31.52 -14.82
CA ASP A 1 3.29 -31.52 -13.57
C ASP A 1 4.80 -31.69 -13.83
N ILE A 2 5.46 -30.60 -14.23
CA ILE A 2 6.90 -30.54 -14.50
C ILE A 2 7.37 -29.08 -14.56
N VAL A 3 7.90 -28.58 -13.47
CA VAL A 3 8.17 -27.14 -13.32
C VAL A 3 9.59 -26.82 -13.75
N LEU A 4 9.75 -25.66 -14.37
CA LEU A 4 11.06 -25.08 -14.59
C LEU A 4 11.14 -23.80 -13.77
N THR A 5 12.17 -23.67 -12.95
CA THR A 5 12.40 -22.40 -12.25
C THR A 5 13.71 -21.80 -12.73
N GLN A 6 13.63 -20.58 -13.25
CA GLN A 6 14.77 -19.92 -13.87
C GLN A 6 15.43 -19.00 -12.86
N SER A 7 16.74 -19.12 -12.75
CA SER A 7 17.39 -18.87 -11.46
C SER A 7 17.47 -17.39 -11.10
N PRO A 8 18.23 -16.52 -11.78
CA PRO A 8 18.16 -15.10 -11.40
C PRO A 8 16.94 -14.44 -12.02
N ALA A 9 15.93 -14.04 -11.25
CA ALA A 9 14.75 -13.46 -11.89
C ALA A 9 15.07 -12.12 -12.53
N ILE A 10 15.74 -11.22 -11.80
CA ILE A 10 16.20 -9.95 -12.34
C ILE A 10 17.73 -9.91 -12.23
N MET A 11 18.36 -9.33 -13.24
CA MET A 11 19.82 -9.35 -13.35
C MET A 11 20.25 -8.07 -14.03
N SER A 12 21.34 -7.48 -13.56
CA SER A 12 21.84 -6.25 -14.18
C SER A 12 23.28 -6.46 -14.60
N ALA A 13 23.57 -6.19 -15.86
CA ALA A 13 24.89 -6.39 -16.40
C ALA A 13 25.35 -5.09 -17.04
N SER A 14 26.63 -4.89 -17.01
CA SER A 14 27.17 -3.78 -17.76
C SER A 14 27.74 -4.29 -19.07
N PRO A 15 27.88 -3.43 -20.07
CA PRO A 15 28.40 -3.91 -21.37
C PRO A 15 29.86 -4.36 -21.32
N GLY A 16 30.08 -5.56 -21.83
CA GLY A 16 31.40 -6.17 -21.84
C GLY A 16 31.59 -7.29 -20.87
N GLU A 17 30.58 -7.64 -20.08
CA GLU A 17 30.74 -8.65 -19.05
C GLU A 17 30.00 -9.92 -19.44
N LYS A 18 30.33 -10.99 -18.75
CA LYS A 18 29.68 -12.28 -18.93
C LYS A 18 28.32 -12.29 -18.24
N VAL A 19 27.39 -13.07 -18.80
CA VAL A 19 26.04 -13.21 -18.24
C VAL A 19 25.63 -14.68 -18.28
N THR A 20 25.35 -15.26 -17.11
CA THR A 20 24.83 -16.63 -17.03
C THR A 20 23.53 -16.63 -16.25
N MET A 21 22.44 -16.93 -16.92
CA MET A 21 21.17 -17.22 -16.30
C MET A 21 20.90 -18.71 -16.40
N THR A 22 20.18 -19.26 -15.43
CA THR A 22 19.99 -20.69 -15.36
C THR A 22 18.51 -21.03 -15.42
N CYS A 23 18.23 -22.24 -15.91
CA CYS A 23 16.92 -22.86 -15.89
C CYS A 23 17.13 -24.23 -15.26
N SER A 24 16.54 -24.45 -14.08
CA SER A 24 16.63 -25.74 -13.36
C SER A 24 15.27 -26.41 -13.29
N ALA A 25 15.26 -27.72 -13.59
CA ALA A 25 14.04 -28.49 -13.77
C ALA A 25 13.71 -29.34 -12.54
N SER A 26 12.43 -29.69 -12.43
CA SER A 26 12.01 -30.54 -11.31
C SER A 26 12.35 -32.00 -11.53
N SER A 27 12.74 -32.40 -12.74
CA SER A 27 13.10 -33.78 -13.02
C SER A 27 13.88 -33.80 -14.34
N SER A 28 14.44 -34.95 -14.69
CA SER A 28 15.38 -34.96 -15.79
C SER A 28 14.70 -34.72 -17.12
N VAL A 29 15.40 -34.01 -18.00
CA VAL A 29 14.85 -33.44 -19.22
C VAL A 29 15.84 -33.66 -20.34
N SER A 30 15.34 -33.95 -21.55
CA SER A 30 16.24 -34.24 -22.66
C SER A 30 16.89 -32.97 -23.20
N TYR A 31 16.09 -31.98 -23.58
CA TYR A 31 16.57 -30.73 -24.13
C TYR A 31 15.79 -29.56 -23.52
N ILE A 32 16.36 -28.36 -23.59
CA ILE A 32 15.62 -27.13 -23.26
C ILE A 32 15.91 -26.07 -24.29
N HIS A 33 14.92 -25.20 -24.54
CA HIS A 33 14.98 -24.16 -25.56
C HIS A 33 14.68 -22.81 -24.93
N TRP A 34 15.20 -21.75 -25.56
CA TRP A 34 15.15 -20.40 -25.01
C TRP A 34 14.48 -19.44 -25.99
N TYR A 35 13.64 -18.57 -25.47
CA TYR A 35 13.03 -17.50 -26.24
C TYR A 35 13.42 -16.16 -25.61
N GLN A 36 13.27 -15.11 -26.39
CA GLN A 36 13.59 -13.75 -25.98
C GLN A 36 12.35 -12.90 -26.13
N GLN A 37 12.08 -12.03 -25.15
CA GLN A 37 10.92 -11.13 -25.23
C GLN A 37 11.32 -9.74 -24.74
N LYS A 38 11.24 -8.75 -25.63
CA LYS A 38 11.41 -7.35 -25.32
C LYS A 38 10.03 -6.72 -25.12
N SER A 39 10.01 -5.55 -24.45
CA SER A 39 8.74 -4.89 -24.14
C SER A 39 7.90 -4.68 -25.41
N GLY A 40 6.60 -5.03 -25.30
CA GLY A 40 5.62 -4.75 -26.33
C GLY A 40 5.63 -5.66 -27.54
N THR A 41 6.50 -6.65 -27.58
CA THR A 41 6.60 -7.57 -28.70
C THR A 41 6.64 -9.00 -28.18
N SER A 42 6.18 -9.91 -29.01
CA SER A 42 6.04 -11.32 -28.64
C SER A 42 7.40 -11.92 -28.34
N PRO A 43 7.43 -13.15 -27.83
CA PRO A 43 8.70 -13.85 -27.71
C PRO A 43 9.22 -14.19 -29.09
N LYS A 44 10.54 -14.16 -29.22
CA LYS A 44 11.23 -14.50 -30.46
C LYS A 44 12.09 -15.75 -30.25
N ARG A 45 12.39 -16.43 -31.36
CA ARG A 45 13.23 -17.61 -31.25
C ARG A 45 14.67 -17.19 -30.95
N TRP A 46 15.31 -17.95 -30.06
CA TRP A 46 16.67 -17.60 -29.64
C TRP A 46 17.59 -18.80 -29.62
N ILE A 47 17.32 -19.81 -28.82
CA ILE A 47 18.11 -21.01 -28.76
C ILE A 47 17.23 -22.24 -28.73
N TYR A 48 17.43 -23.17 -29.63
CA TYR A 48 16.61 -24.35 -29.70
C TYR A 48 17.44 -25.53 -29.53
N ASP A 49 16.81 -26.62 -29.11
CA ASP A 49 17.47 -27.86 -28.76
C ASP A 49 18.27 -27.36 -27.60
N THR A 50 19.59 -27.52 -27.50
CA THR A 50 20.21 -26.92 -26.33
C THR A 50 21.21 -25.85 -26.61
N SER A 51 22.06 -26.11 -27.59
CA SER A 51 23.12 -25.27 -27.96
C SER A 51 23.00 -24.71 -29.31
N ARG A 52 21.93 -25.01 -30.01
CA ARG A 52 21.73 -24.54 -31.36
C ARG A 52 21.13 -23.17 -31.40
N LEU A 53 21.82 -22.26 -32.04
CA LEU A 53 21.40 -20.91 -32.12
C LEU A 53 20.53 -20.66 -33.29
N ALA A 54 19.61 -19.76 -33.11
CA ALA A 54 18.75 -19.40 -34.23
C ALA A 54 19.50 -18.43 -35.16
N PHE A 55 19.07 -18.41 -36.43
CA PHE A 55 19.78 -17.66 -37.47
C PHE A 55 20.12 -16.25 -37.02
N GLY A 56 19.16 -15.54 -36.44
CA GLY A 56 19.41 -14.16 -36.10
C GLY A 56 20.38 -13.93 -34.95
N VAL A 57 20.37 -14.82 -33.94
CA VAL A 57 20.98 -14.43 -32.66
C VAL A 57 22.48 -14.30 -32.82
N PRO A 58 23.10 -13.29 -32.21
CA PRO A 58 24.56 -13.15 -32.27
C PRO A 58 25.29 -14.40 -31.83
N GLY A 59 26.56 -14.50 -32.24
CA GLY A 59 27.44 -15.60 -31.86
C GLY A 59 28.01 -15.54 -30.45
N ARG A 60 27.79 -14.47 -29.69
CA ARG A 60 28.26 -14.41 -28.31
C ARG A 60 27.25 -15.03 -27.35
N PHE A 61 26.16 -15.57 -27.87
CA PHE A 61 25.28 -16.37 -27.04
C PHE A 61 25.70 -17.83 -27.13
N SER A 62 25.22 -18.61 -26.18
CA SER A 62 25.72 -19.94 -25.93
C SER A 62 24.77 -20.66 -25.01
N GLY A 63 24.66 -21.98 -25.19
CA GLY A 63 23.76 -22.76 -24.39
C GLY A 63 24.40 -24.08 -23.98
N SER A 64 23.94 -24.58 -22.85
CA SER A 64 24.46 -25.87 -22.37
C SER A 64 23.53 -26.41 -21.30
N GLY A 65 23.94 -27.54 -20.74
CA GLY A 65 23.13 -28.23 -19.77
C GLY A 65 22.92 -29.67 -20.16
N SER A 66 22.55 -30.48 -19.18
CA SER A 66 22.27 -31.90 -19.36
C SER A 66 21.48 -32.34 -18.13
N GLY A 67 20.34 -32.99 -18.33
CA GLY A 67 19.61 -33.57 -17.21
C GLY A 67 18.62 -32.66 -16.52
N THR A 68 19.06 -31.97 -15.46
CA THR A 68 18.17 -31.16 -14.63
C THR A 68 18.54 -29.69 -14.61
N SER A 69 19.76 -29.33 -14.97
CA SER A 69 20.23 -27.96 -14.83
C SER A 69 20.86 -27.50 -16.15
N TYR A 70 20.14 -26.71 -16.94
CA TYR A 70 20.68 -26.13 -18.17
C TYR A 70 20.88 -24.63 -17.98
N SER A 71 21.57 -24.00 -18.94
CA SER A 71 21.98 -22.61 -18.74
C SER A 71 22.36 -21.92 -20.05
N LEU A 72 21.88 -20.68 -20.18
CA LEU A 72 22.20 -19.77 -21.28
C LEU A 72 23.27 -18.80 -20.82
N THR A 73 24.35 -18.68 -21.59
CA THR A 73 25.47 -17.84 -21.21
C THR A 73 25.71 -16.80 -22.30
N ILE A 74 25.98 -15.57 -21.90
CA ILE A 74 26.36 -14.51 -22.82
C ILE A 74 27.86 -14.24 -22.68
N SER A 75 28.57 -14.33 -23.80
CA SER A 75 30.02 -14.17 -23.81
C SER A 75 30.42 -12.80 -23.30
N SER A 76 29.99 -11.75 -23.98
CA SER A 76 30.25 -10.37 -23.59
C SER A 76 28.94 -9.62 -23.77
N MET A 77 28.57 -8.84 -22.78
CA MET A 77 27.26 -8.19 -22.76
C MET A 77 27.26 -6.94 -23.64
N GLU A 78 26.19 -6.78 -24.42
CA GLU A 78 25.95 -5.53 -25.13
C GLU A 78 24.52 -5.07 -24.84
N ALA A 79 24.34 -3.75 -24.81
CA ALA A 79 23.08 -3.18 -24.38
C ALA A 79 21.90 -3.62 -25.24
N GLU A 80 22.14 -4.11 -26.45
CA GLU A 80 21.03 -4.54 -27.31
C GLU A 80 20.35 -5.81 -26.81
N ASP A 81 20.89 -6.47 -25.77
CA ASP A 81 20.45 -7.79 -25.34
C ASP A 81 19.34 -7.78 -24.30
N ALA A 82 19.23 -6.73 -23.49
CA ALA A 82 18.24 -6.62 -22.43
C ALA A 82 16.85 -7.03 -22.90
N ALA A 83 16.43 -8.21 -22.47
CA ALA A 83 15.06 -8.68 -22.64
C ALA A 83 14.86 -9.83 -21.67
N THR A 84 13.62 -10.28 -21.56
CA THR A 84 13.32 -11.40 -20.70
C THR A 84 13.53 -12.68 -21.49
N TYR A 85 14.26 -13.63 -20.89
CA TYR A 85 14.62 -14.87 -21.53
C TYR A 85 13.91 -16.03 -20.83
N TYR A 86 13.03 -16.71 -21.55
CA TYR A 86 12.32 -17.87 -21.05
C TYR A 86 13.00 -19.13 -21.55
N CYS A 87 12.95 -20.18 -20.73
CA CYS A 87 13.26 -21.52 -21.19
C CYS A 87 11.95 -22.28 -21.40
N GLN A 88 12.04 -23.45 -22.01
CA GLN A 88 10.88 -24.31 -22.21
C GLN A 88 11.35 -25.72 -22.52
N GLN A 89 10.62 -26.70 -21.98
CA GLN A 89 10.91 -28.12 -22.14
C GLN A 89 9.86 -28.76 -23.03
N TRP A 90 10.20 -29.89 -23.60
CA TRP A 90 9.34 -30.55 -24.51
C TRP A 90 9.21 -32.00 -24.29
N SER A 91 9.56 -32.46 -23.12
CA SER A 91 9.51 -33.87 -22.84
C SER A 91 8.18 -34.41 -22.32
N SER A 92 7.55 -33.70 -21.41
CA SER A 92 6.29 -34.09 -20.82
C SER A 92 5.12 -33.15 -21.09
N ASN A 93 5.08 -32.08 -20.33
CA ASN A 93 4.04 -31.06 -20.45
C ASN A 93 4.85 -29.86 -20.82
N TYR A 94 4.31 -29.09 -21.72
CA TYR A 94 5.02 -28.00 -22.34
C TYR A 94 4.90 -26.85 -21.46
N THR A 95 5.97 -26.66 -20.72
CA THR A 95 6.04 -25.74 -19.62
C THR A 95 7.09 -24.69 -19.95
N PHE A 96 6.78 -23.45 -19.62
CA PHE A 96 7.72 -22.36 -19.73
C PHE A 96 8.32 -22.04 -18.36
N GLY A 97 9.57 -21.61 -18.36
CA GLY A 97 10.15 -21.02 -17.18
C GLY A 97 9.51 -19.68 -16.87
N GLY A 98 9.95 -19.10 -15.77
CA GLY A 98 9.44 -17.81 -15.33
C GLY A 98 10.13 -16.61 -15.95
N GLY A 99 11.23 -16.85 -16.68
CA GLY A 99 11.96 -15.80 -17.36
C GLY A 99 13.06 -15.22 -16.47
N THR A 100 14.01 -14.55 -17.13
CA THR A 100 15.07 -13.84 -16.44
C THR A 100 15.11 -12.42 -17.02
N ASN A 101 14.74 -11.43 -16.22
CA ASN A 101 14.77 -10.04 -16.66
C ASN A 101 16.23 -9.59 -16.76
N LEU A 102 16.71 -9.34 -17.98
CA LEU A 102 18.05 -8.82 -18.18
C LEU A 102 18.02 -7.30 -18.30
N GLU A 103 18.78 -6.62 -17.44
CA GLU A 103 18.83 -5.17 -17.31
C GLU A 103 20.21 -4.64 -17.72
N ILE A 104 20.24 -3.43 -18.26
CA ILE A 104 21.50 -2.71 -18.44
C ILE A 104 21.88 -2.08 -17.09
N LYS A 105 23.17 -2.10 -16.75
CA LYS A 105 23.67 -1.44 -15.54
C LYS A 105 24.43 -0.19 -15.94
N ARG A 106 24.11 0.94 -15.30
CA ARG A 106 24.80 2.22 -15.48
C ARG A 106 25.24 2.78 -14.14
N ALA A 107 25.96 3.90 -14.20
CA ALA A 107 26.26 4.66 -13.01
C ALA A 107 24.96 5.06 -12.30
N ASP A 108 24.97 5.02 -10.96
CA ASP A 108 23.76 5.32 -10.19
C ASP A 108 23.27 6.74 -10.46
N ALA A 109 21.96 6.91 -10.44
CA ALA A 109 21.35 8.23 -10.56
C ALA A 109 20.33 8.39 -9.43
N ALA A 110 20.36 9.62 -8.75
CA ALA A 110 19.33 9.96 -7.78
C ALA A 110 18.17 10.63 -8.49
N PRO A 111 16.95 10.47 -7.99
CA PRO A 111 15.77 10.90 -8.74
C PRO A 111 15.65 12.41 -8.77
N THR A 112 14.72 12.86 -9.60
CA THR A 112 14.41 14.29 -9.74
C THR A 112 12.94 14.42 -9.35
N VAL A 113 12.68 14.79 -8.04
CA VAL A 113 11.40 14.59 -7.37
C VAL A 113 10.47 15.76 -7.61
N SER A 114 9.19 15.46 -7.85
CA SER A 114 8.19 16.49 -8.13
C SER A 114 6.85 16.11 -7.51
N ILE A 115 6.30 17.01 -6.70
CA ILE A 115 5.07 16.78 -5.94
C ILE A 115 3.97 17.70 -6.49
N PHE A 116 2.75 17.20 -6.50
CA PHE A 116 1.64 17.89 -7.16
C PHE A 116 0.39 17.90 -6.30
N PRO A 117 -0.10 19.04 -5.86
CA PRO A 117 -1.32 19.05 -5.06
C PRO A 117 -2.48 18.52 -5.90
N PRO A 118 -3.52 18.00 -5.26
CA PRO A 118 -4.66 17.50 -6.05
C PRO A 118 -5.19 18.62 -6.90
N SER A 119 -5.82 18.25 -8.00
CA SER A 119 -6.40 19.26 -8.88
C SER A 119 -7.64 19.91 -8.30
N SER A 120 -7.85 21.19 -8.66
CA SER A 120 -9.11 21.87 -8.31
C SER A 120 -10.31 21.14 -8.88
N GLU A 121 -10.10 20.31 -9.90
CA GLU A 121 -11.15 19.55 -10.55
C GLU A 121 -11.54 18.28 -9.83
N GLN A 122 -10.56 17.55 -9.31
CA GLN A 122 -10.89 16.32 -8.60
C GLN A 122 -11.63 16.64 -7.30
N LEU A 123 -11.25 17.73 -6.62
CA LEU A 123 -11.71 18.02 -5.26
C LEU A 123 -13.22 18.26 -5.22
N THR A 124 -13.72 19.03 -6.18
CA THR A 124 -15.14 19.29 -6.38
C THR A 124 -15.96 18.02 -6.64
N SER A 125 -15.32 16.86 -6.75
CA SER A 125 -16.00 15.61 -7.02
C SER A 125 -16.14 14.72 -5.79
N GLY A 126 -15.44 15.05 -4.71
CA GLY A 126 -15.47 14.26 -3.50
C GLY A 126 -14.16 13.61 -3.14
N GLY A 127 -13.11 13.79 -3.96
CA GLY A 127 -11.86 13.12 -3.72
C GLY A 127 -10.68 14.06 -3.86
N ALA A 128 -9.53 13.59 -3.40
CA ALA A 128 -8.29 14.33 -3.53
C ALA A 128 -7.14 13.34 -3.62
N SER A 129 -6.39 13.43 -4.72
CA SER A 129 -5.22 12.60 -4.96
C SER A 129 -3.98 13.47 -4.93
N VAL A 130 -3.02 13.10 -4.10
CA VAL A 130 -1.73 13.77 -4.08
C VAL A 130 -0.74 12.87 -4.79
N VAL A 131 0.10 13.45 -5.66
CA VAL A 131 0.92 12.66 -6.58
C VAL A 131 2.36 13.12 -6.52
N CYS A 132 3.29 12.16 -6.58
CA CYS A 132 4.72 12.41 -6.50
C CYS A 132 5.43 11.68 -7.63
N PHE A 133 6.29 12.39 -8.38
CA PHE A 133 7.05 11.85 -9.51
C PHE A 133 8.53 11.85 -9.18
N LEU A 134 9.13 10.68 -9.00
CA LEU A 134 10.57 10.54 -8.89
C LEU A 134 11.11 10.12 -10.25
N ASN A 135 11.92 10.97 -10.89
CA ASN A 135 12.17 10.89 -12.32
C ASN A 135 13.65 10.68 -12.65
N ASN A 136 13.93 9.65 -13.42
CA ASN A 136 15.27 9.32 -13.87
C ASN A 136 16.33 8.98 -12.85
N PHE A 137 16.24 7.78 -12.30
CA PHE A 137 17.11 7.27 -11.30
C PHE A 137 17.51 5.86 -11.57
N TYR A 138 18.59 5.45 -10.97
CA TYR A 138 19.13 4.14 -11.09
C TYR A 138 19.99 4.00 -9.85
N PRO A 139 20.00 2.84 -9.08
CA PRO A 139 19.12 1.77 -9.51
C PRO A 139 17.71 1.96 -9.20
N LYS A 140 16.98 0.93 -9.53
CA LYS A 140 15.55 0.88 -9.40
C LYS A 140 14.97 0.77 -8.01
N ASP A 141 15.58 -0.03 -7.16
CA ASP A 141 15.06 -0.20 -5.84
C ASP A 141 15.05 1.09 -5.13
N ILE A 142 13.88 1.50 -4.75
CA ILE A 142 13.68 2.73 -4.00
C ILE A 142 12.71 2.43 -2.87
N ASN A 143 12.77 3.27 -1.84
CA ASN A 143 11.70 3.39 -0.87
C ASN A 143 11.20 4.83 -0.91
N VAL A 144 9.91 4.98 -0.68
CA VAL A 144 9.24 6.28 -0.72
C VAL A 144 8.29 6.33 0.47
N LYS A 145 8.40 7.36 1.29
CA LYS A 145 7.47 7.53 2.40
C LYS A 145 6.76 8.87 2.26
N TRP A 146 5.47 8.88 2.50
CA TRP A 146 4.72 10.09 2.47
C TRP A 146 4.48 10.40 3.91
N LYS A 147 4.74 11.62 4.34
CA LYS A 147 4.48 12.00 5.70
C LYS A 147 3.48 13.11 5.68
N ILE A 148 2.38 12.97 6.37
CA ILE A 148 1.37 14.01 6.42
C ILE A 148 1.41 14.64 7.77
N ASP A 149 1.65 15.93 7.83
CA ASP A 149 1.68 16.62 9.07
C ASP A 149 2.64 15.96 9.98
N GLY A 150 3.72 15.50 9.41
CA GLY A 150 4.80 14.90 10.15
C GLY A 150 4.69 13.49 10.59
N SER A 151 3.53 12.90 10.41
CA SER A 151 3.37 11.52 10.75
C SER A 151 3.53 10.80 9.44
N GLU A 152 3.16 9.55 9.34
CA GLU A 152 3.35 8.83 8.11
C GLU A 152 2.20 7.99 7.73
N ARG A 153 2.15 7.59 6.46
CA ARG A 153 1.06 6.76 5.98
C ARG A 153 1.43 5.74 4.96
N GLN A 154 0.63 4.69 4.90
CA GLN A 154 0.80 3.67 3.86
C GLN A 154 -0.55 3.29 3.26
N ASN A 155 -1.69 3.67 3.87
CA ASN A 155 -3.00 3.41 3.25
C ASN A 155 -3.22 4.10 1.92
N GLY A 156 -3.55 3.34 0.88
CA GLY A 156 -3.96 3.95 -0.38
C GLY A 156 -2.87 4.57 -1.22
N VAL A 157 -1.63 4.14 -1.04
CA VAL A 157 -0.52 4.54 -1.90
C VAL A 157 -0.46 3.58 -3.09
N LEU A 158 -0.44 4.14 -4.29
CA LEU A 158 -0.28 3.36 -5.52
C LEU A 158 1.06 3.71 -6.15
N ASN A 159 1.90 2.70 -6.39
CA ASN A 159 3.28 2.89 -6.81
C ASN A 159 3.50 2.17 -8.13
N SER A 160 3.94 2.91 -9.15
CA SER A 160 4.11 2.39 -10.49
C SER A 160 5.53 2.65 -10.99
N TRP A 161 6.03 1.75 -11.84
CA TRP A 161 7.44 1.69 -12.22
C TRP A 161 7.57 1.53 -13.72
N THR A 162 8.33 2.42 -14.35
CA THR A 162 8.52 2.31 -15.79
C THR A 162 9.42 1.13 -16.11
N ASP A 163 9.56 0.86 -17.40
CA ASP A 163 10.65 0.01 -17.84
C ASP A 163 11.86 0.89 -18.17
N GLN A 164 13.03 0.27 -18.14
CA GLN A 164 14.27 1.02 -18.23
C GLN A 164 14.30 1.85 -19.50
N ASP A 165 14.75 3.11 -19.37
CA ASP A 165 14.76 4.04 -20.48
C ASP A 165 15.71 3.54 -21.57
N SER A 166 15.32 3.75 -22.82
CA SER A 166 16.16 3.27 -23.92
C SER A 166 17.28 4.23 -24.28
N LYS A 167 17.31 5.42 -23.69
CA LYS A 167 18.38 6.39 -23.92
C LYS A 167 19.30 6.49 -22.70
N ASP A 168 18.84 7.10 -21.60
CA ASP A 168 19.73 7.23 -20.44
C ASP A 168 19.77 5.98 -19.57
N SER A 169 18.89 5.00 -19.81
CA SER A 169 18.91 3.75 -19.07
C SER A 169 18.63 3.97 -17.58
N THR A 170 17.53 4.69 -17.29
CA THR A 170 17.08 4.94 -15.93
C THR A 170 15.72 4.30 -15.70
N TYR A 171 15.10 4.62 -14.57
CA TYR A 171 13.72 4.25 -14.30
C TYR A 171 12.98 5.44 -13.73
N SER A 172 11.66 5.41 -13.90
CA SER A 172 10.79 6.43 -13.36
C SER A 172 9.73 5.80 -12.47
N MET A 173 9.39 6.51 -11.41
CA MET A 173 8.36 6.02 -10.52
C MET A 173 7.35 7.11 -10.20
N SER A 174 6.08 6.73 -10.19
CA SER A 174 4.98 7.57 -9.73
C SER A 174 4.52 7.06 -8.38
N SER A 175 3.97 7.96 -7.56
CA SER A 175 3.44 7.60 -6.24
C SER A 175 2.24 8.49 -5.94
N THR A 176 1.09 7.86 -5.78
CA THR A 176 -0.21 8.53 -5.66
C THR A 176 -0.89 8.10 -4.37
N LEU A 177 -1.22 9.07 -3.53
CA LEU A 177 -1.91 8.86 -2.26
C LEU A 177 -3.36 9.31 -2.41
N THR A 178 -4.30 8.37 -2.30
CA THR A 178 -5.69 8.67 -2.65
C THR A 178 -6.54 8.83 -1.40
N LEU A 179 -6.77 10.08 -1.00
CA LEU A 179 -7.51 10.40 0.21
C LEU A 179 -8.96 10.68 -0.14
N THR A 180 -9.69 11.23 0.82
CA THR A 180 -10.98 11.82 0.55
C THR A 180 -10.81 13.33 0.54
N LYS A 181 -11.83 14.04 0.07
CA LYS A 181 -11.81 15.49 0.22
C LYS A 181 -11.64 15.86 1.68
N ASP A 182 -12.51 15.30 2.54
CA ASP A 182 -12.44 15.59 3.96
C ASP A 182 -11.16 15.06 4.58
N GLU A 183 -10.71 13.88 4.16
CA GLU A 183 -9.44 13.41 4.69
C GLU A 183 -8.31 14.35 4.31
N TYR A 184 -8.33 14.83 3.06
CA TYR A 184 -7.29 15.74 2.58
C TYR A 184 -7.27 17.03 3.38
N GLU A 185 -8.40 17.70 3.49
CA GLU A 185 -8.43 18.96 4.22
C GLU A 185 -8.27 18.79 5.73
N ARG A 186 -8.10 17.57 6.24
CA ARG A 186 -7.87 17.42 7.67
C ARG A 186 -6.45 17.77 8.10
N HIS A 187 -5.52 17.93 7.16
CA HIS A 187 -4.12 18.13 7.47
C HIS A 187 -3.58 19.36 6.76
N ASN A 188 -2.29 19.62 6.95
CA ASN A 188 -1.67 20.81 6.39
C ASN A 188 -0.49 20.50 5.48
N SER A 189 0.50 19.72 5.96
CA SER A 189 1.79 19.59 5.29
C SER A 189 1.98 18.18 4.75
N TYR A 190 1.70 18.01 3.45
CA TYR A 190 1.93 16.76 2.74
C TYR A 190 3.35 16.72 2.20
N THR A 191 4.07 15.65 2.50
CA THR A 191 5.45 15.46 2.10
C THR A 191 5.66 14.05 1.56
N CYS A 192 6.23 13.94 0.37
CA CYS A 192 6.85 12.69 -0.07
C CYS A 192 8.36 12.81 0.05
N GLU A 193 9.01 11.73 0.51
CA GLU A 193 10.46 11.66 0.58
C GLU A 193 10.99 10.30 0.10
N ALA A 194 12.08 10.37 -0.66
CA ALA A 194 12.64 9.24 -1.38
C ALA A 194 13.97 8.86 -0.75
N THR A 195 14.11 7.60 -0.38
CA THR A 195 15.38 7.09 0.12
C THR A 195 16.05 6.24 -0.96
N HIS A 196 17.37 6.34 -1.06
CA HIS A 196 18.05 5.72 -2.21
C HIS A 196 19.54 5.53 -1.91
N LYS A 197 20.13 4.54 -2.58
CA LYS A 197 21.54 4.21 -2.39
C LYS A 197 22.48 5.22 -3.03
N THR A 198 21.97 6.40 -3.36
CA THR A 198 22.74 7.51 -3.89
C THR A 198 22.99 8.53 -2.78
N SER A 199 21.97 9.33 -2.49
CA SER A 199 22.06 10.31 -1.41
C SER A 199 21.92 9.63 -0.05
N THR A 200 22.49 10.26 0.98
CA THR A 200 22.50 9.65 2.32
C THR A 200 21.21 9.95 3.08
N SER A 201 20.78 11.08 3.01
CA SER A 201 19.58 11.67 3.56
C SER A 201 18.54 11.79 2.45
N PRO A 202 17.25 11.68 2.80
CA PRO A 202 16.22 11.62 1.76
C PRO A 202 16.10 12.91 0.97
N ILE A 203 15.53 12.78 -0.22
CA ILE A 203 15.15 13.93 -1.02
C ILE A 203 13.71 14.27 -0.66
N VAL A 204 13.52 15.39 0.01
CA VAL A 204 12.21 15.79 0.50
C VAL A 204 11.61 16.79 -0.47
N LYS A 205 10.30 16.70 -0.67
CA LYS A 205 9.57 17.71 -1.41
C LYS A 205 8.25 17.90 -0.70
N SER A 206 7.84 19.15 -0.55
CA SER A 206 6.78 19.47 0.37
C SER A 206 5.94 20.61 -0.17
N PHE A 207 4.68 20.62 0.23
CA PHE A 207 3.81 21.78 0.10
C PHE A 207 2.87 21.81 1.30
N ASN A 208 2.16 22.93 1.46
CA ASN A 208 1.21 23.11 2.55
C ASN A 208 -0.16 23.44 1.98
N ARG A 209 -1.18 22.84 2.57
CA ARG A 209 -2.51 22.93 1.99
C ARG A 209 -3.11 24.30 2.21
N ASN A 210 -3.00 24.81 3.41
CA ASN A 210 -3.59 26.08 3.73
C ASN A 210 -2.69 27.16 3.22
N GLU A 211 -2.36 27.04 1.94
CA GLU A 211 -1.50 27.97 1.26
C GLU A 211 -2.10 27.72 -0.08
N CYS A 212 -1.94 27.96 -1.30
CA CYS A 212 -2.81 28.23 -2.43
C CYS A 212 -3.48 29.44 -1.88
N GLU B 1 7.61 -12.73 -46.32
CA GLU B 1 7.97 -13.00 -44.94
C GLU B 1 6.87 -13.78 -44.21
N VAL B 2 7.27 -14.59 -43.23
CA VAL B 2 6.30 -15.33 -42.43
C VAL B 2 5.51 -14.35 -41.58
N LYS B 3 4.19 -14.43 -41.69
CA LYS B 3 3.29 -13.57 -40.95
C LYS B 3 2.29 -14.42 -40.19
N LEU B 4 2.04 -14.03 -38.94
CA LEU B 4 0.99 -14.59 -38.09
C LEU B 4 0.24 -13.44 -37.43
N VAL B 5 -1.05 -13.33 -37.73
CA VAL B 5 -1.84 -12.13 -37.42
C VAL B 5 -3.18 -12.61 -36.86
N GLU B 6 -3.43 -12.35 -35.58
CA GLU B 6 -4.55 -12.94 -34.89
C GLU B 6 -5.64 -11.92 -34.60
N SER B 7 -6.89 -12.40 -34.55
CA SER B 7 -8.07 -11.54 -34.50
C SER B 7 -9.06 -12.07 -33.46
N GLY B 8 -9.91 -11.16 -32.98
CA GLY B 8 -10.95 -11.51 -32.05
C GLY B 8 -10.51 -11.32 -30.61
N GLY B 9 -11.48 -11.32 -29.73
CA GLY B 9 -11.19 -11.14 -28.32
C GLY B 9 -11.67 -9.80 -27.80
N GLY B 10 -11.28 -9.52 -26.56
CA GLY B 10 -11.71 -8.30 -25.91
C GLY B 10 -12.20 -8.51 -24.50
N SER B 11 -13.44 -8.07 -24.24
CA SER B 11 -14.03 -8.15 -22.90
C SER B 11 -15.27 -9.03 -22.98
N VAL B 12 -15.27 -10.12 -22.21
CA VAL B 12 -16.40 -11.05 -22.18
C VAL B 12 -16.77 -11.24 -20.73
N LYS B 13 -18.06 -11.44 -20.45
CA LYS B 13 -18.44 -11.81 -19.10
C LYS B 13 -18.11 -13.28 -18.86
N PRO B 14 -17.77 -13.66 -17.62
CA PRO B 14 -17.50 -15.08 -17.35
C PRO B 14 -18.72 -15.93 -17.70
N GLY B 15 -18.47 -17.07 -18.32
CA GLY B 15 -19.52 -17.90 -18.85
C GLY B 15 -19.76 -17.71 -20.34
N GLY B 16 -19.41 -16.56 -20.90
CA GLY B 16 -19.53 -16.37 -22.33
C GLY B 16 -18.68 -17.37 -23.10
N SER B 17 -18.89 -17.39 -24.41
CA SER B 17 -18.03 -18.13 -25.34
C SER B 17 -17.39 -17.16 -26.31
N LEU B 18 -16.27 -17.59 -26.89
CA LEU B 18 -15.57 -16.76 -27.85
C LEU B 18 -14.87 -17.64 -28.87
N LYS B 19 -14.34 -17.02 -29.93
CA LYS B 19 -13.53 -17.71 -30.91
C LYS B 19 -12.41 -16.80 -31.35
N LEU B 20 -11.16 -17.27 -31.29
CA LEU B 20 -10.02 -16.55 -31.82
C LEU B 20 -9.56 -17.18 -33.13
N SER B 21 -9.06 -16.32 -34.02
CA SER B 21 -8.55 -16.78 -35.30
C SER B 21 -7.18 -16.14 -35.53
N CYS B 22 -6.38 -16.80 -36.38
CA CYS B 22 -5.05 -16.36 -36.72
C CYS B 22 -4.84 -16.65 -38.20
N ALA B 23 -4.21 -15.74 -38.93
CA ALA B 23 -4.05 -15.87 -40.38
C ALA B 23 -2.57 -15.99 -40.75
N ALA B 24 -2.29 -16.93 -41.68
CA ALA B 24 -0.94 -17.32 -42.05
C ALA B 24 -0.56 -16.76 -43.43
N SER B 25 0.74 -16.53 -43.61
CA SER B 25 1.24 -15.86 -44.80
C SER B 25 2.70 -16.20 -44.98
N GLY B 26 3.07 -16.49 -46.23
CA GLY B 26 4.48 -16.65 -46.55
C GLY B 26 5.12 -17.91 -46.03
N PHE B 27 4.35 -19.00 -45.91
CA PHE B 27 4.83 -20.34 -45.62
C PHE B 27 3.67 -21.32 -45.83
N SER B 28 4.02 -22.55 -46.24
CA SER B 28 3.01 -23.57 -46.55
C SER B 28 2.32 -24.01 -45.25
N PHE B 29 1.06 -23.62 -45.07
CA PHE B 29 0.38 -23.85 -43.80
C PHE B 29 0.28 -25.34 -43.46
N SER B 30 -0.21 -26.14 -44.41
CA SER B 30 -0.55 -27.52 -44.08
C SER B 30 0.66 -28.31 -43.57
N THR B 31 1.88 -27.95 -43.95
CA THR B 31 2.99 -28.81 -43.60
C THR B 31 3.51 -28.59 -42.17
N TYR B 32 2.92 -27.66 -41.39
CA TYR B 32 3.35 -27.32 -40.04
C TYR B 32 2.25 -27.48 -38.98
N GLY B 33 2.61 -27.95 -37.79
CA GLY B 33 1.69 -27.91 -36.67
C GLY B 33 1.62 -26.51 -36.09
N MET B 34 0.43 -26.13 -35.61
CA MET B 34 0.16 -24.78 -35.14
C MET B 34 -0.41 -24.81 -33.72
N SER B 35 0.09 -23.92 -32.85
CA SER B 35 -0.32 -23.88 -31.45
C SER B 35 -0.74 -22.47 -31.03
N TRP B 36 -1.48 -22.40 -29.93
CA TRP B 36 -1.70 -21.15 -29.20
C TRP B 36 -0.91 -21.19 -27.89
N VAL B 37 -0.49 -20.02 -27.44
CA VAL B 37 0.22 -19.84 -26.18
C VAL B 37 -0.27 -18.53 -25.58
N ARG B 38 -0.57 -18.53 -24.28
CA ARG B 38 -1.10 -17.35 -23.60
C ARG B 38 -0.08 -16.78 -22.63
N GLN B 39 -0.16 -15.48 -22.42
CA GLN B 39 0.75 -14.82 -21.49
C GLN B 39 -0.06 -13.98 -20.51
N THR B 40 0.18 -14.20 -19.21
CA THR B 40 -0.54 -13.43 -18.22
C THR B 40 0.03 -12.01 -18.15
N PRO B 41 -0.81 -11.03 -17.79
CA PRO B 41 -0.31 -9.68 -17.52
C PRO B 41 0.99 -9.66 -16.74
N GLU B 42 1.18 -10.64 -15.87
CA GLU B 42 2.42 -10.78 -15.12
C GLU B 42 3.50 -11.50 -15.90
N LYS B 43 3.34 -11.56 -17.24
CA LYS B 43 4.37 -12.00 -18.16
C LYS B 43 4.60 -13.50 -17.91
N ARG B 44 3.50 -14.24 -17.83
CA ARG B 44 3.51 -15.68 -17.69
C ARG B 44 3.10 -16.51 -18.89
N LEU B 45 3.93 -17.46 -19.29
CA LEU B 45 3.79 -18.12 -20.58
C LEU B 45 3.20 -19.52 -20.35
N GLU B 46 2.04 -19.78 -20.96
CA GLU B 46 1.34 -21.06 -20.78
C GLU B 46 0.84 -21.61 -22.11
N TRP B 47 1.24 -22.84 -22.44
CA TRP B 47 0.77 -23.50 -23.66
C TRP B 47 -0.66 -23.99 -23.51
N VAL B 48 -1.48 -23.76 -24.55
CA VAL B 48 -2.92 -24.03 -24.45
C VAL B 48 -3.46 -24.96 -25.53
N ALA B 49 -2.85 -25.10 -26.70
CA ALA B 49 -3.36 -26.06 -27.68
C ALA B 49 -2.34 -26.27 -28.78
N THR B 50 -2.63 -27.26 -29.62
CA THR B 50 -1.78 -27.68 -30.72
C THR B 50 -2.65 -28.51 -31.66
N ILE B 51 -2.52 -28.26 -32.95
CA ILE B 51 -3.14 -29.08 -33.97
C ILE B 51 -2.03 -29.63 -34.87
N SER B 52 -2.31 -30.74 -35.55
CA SER B 52 -1.31 -31.32 -36.46
C SER B 52 -1.35 -30.63 -37.82
N GLY B 53 -0.54 -31.13 -38.75
CA GLY B 53 -0.49 -30.53 -40.08
C GLY B 53 -1.78 -30.71 -40.86
N GLY B 54 -2.24 -31.93 -40.99
CA GLY B 54 -3.61 -32.17 -41.41
C GLY B 54 -4.57 -31.96 -40.26
N GLY B 55 -5.69 -32.66 -40.31
CA GLY B 55 -6.54 -32.69 -39.15
C GLY B 55 -5.87 -33.54 -38.10
N GLY B 56 -5.78 -34.85 -38.36
CA GLY B 56 -5.03 -35.78 -37.56
C GLY B 56 -5.26 -35.63 -36.07
N TYR B 57 -4.26 -35.10 -35.37
CA TYR B 57 -4.27 -35.07 -33.91
C TYR B 57 -4.41 -33.65 -33.38
N THR B 58 -5.10 -33.54 -32.27
CA THR B 58 -5.11 -32.34 -31.45
C THR B 58 -4.56 -32.70 -30.08
N TYR B 59 -3.99 -31.71 -29.38
CA TYR B 59 -3.51 -31.93 -28.02
C TYR B 59 -3.77 -30.70 -27.17
N TYR B 60 -3.98 -30.94 -25.86
CA TYR B 60 -4.44 -29.91 -24.94
C TYR B 60 -3.76 -30.05 -23.59
N PRO B 61 -3.51 -28.93 -22.91
CA PRO B 61 -3.11 -28.97 -21.51
C PRO B 61 -4.32 -29.17 -20.61
N ASP B 62 -4.05 -29.45 -19.34
CA ASP B 62 -5.13 -29.77 -18.41
C ASP B 62 -5.67 -28.54 -17.71
N SER B 63 -5.37 -27.36 -18.23
CA SER B 63 -6.00 -26.14 -17.72
C SER B 63 -7.17 -25.68 -18.57
N VAL B 64 -7.34 -26.23 -19.78
CA VAL B 64 -8.45 -25.82 -20.67
C VAL B 64 -9.10 -27.01 -21.38
N LYS B 65 -8.56 -28.21 -21.21
CA LYS B 65 -9.10 -29.38 -21.89
C LYS B 65 -10.56 -29.58 -21.47
N GLY B 66 -11.47 -29.43 -22.42
CA GLY B 66 -12.90 -29.45 -22.16
C GLY B 66 -13.58 -28.16 -22.54
N ARG B 67 -12.88 -27.04 -22.42
CA ARG B 67 -13.44 -25.74 -22.76
C ARG B 67 -12.95 -25.21 -24.11
N PHE B 68 -11.77 -25.61 -24.55
CA PHE B 68 -11.18 -25.09 -25.78
C PHE B 68 -11.16 -26.17 -26.87
N THR B 69 -11.21 -25.72 -28.12
CA THR B 69 -11.07 -26.55 -29.30
C THR B 69 -10.25 -25.77 -30.32
N ILE B 70 -9.20 -26.40 -30.88
CA ILE B 70 -8.30 -25.74 -31.82
C ILE B 70 -8.47 -26.35 -33.20
N SER B 71 -8.59 -25.50 -34.21
CA SER B 71 -8.99 -25.91 -35.54
C SER B 71 -8.16 -25.17 -36.57
N ARG B 72 -7.91 -25.84 -37.69
CA ARG B 72 -7.34 -25.20 -38.85
C ARG B 72 -8.28 -25.36 -40.03
N ASP B 73 -8.11 -24.51 -41.03
CA ASP B 73 -8.72 -24.69 -42.34
C ASP B 73 -7.62 -24.43 -43.35
N ASN B 74 -7.04 -25.50 -43.89
CA ASN B 74 -5.87 -25.36 -44.74
C ASN B 74 -6.21 -24.87 -46.16
N ALA B 75 -7.48 -24.58 -46.42
CA ALA B 75 -7.86 -23.84 -47.61
C ALA B 75 -7.51 -22.35 -47.50
N ARG B 76 -7.36 -21.83 -46.28
CA ARG B 76 -7.17 -20.40 -46.09
C ARG B 76 -5.96 -20.04 -45.24
N ASN B 77 -5.22 -21.02 -44.73
CA ASN B 77 -4.07 -20.73 -43.90
C ASN B 77 -4.47 -19.94 -42.64
N ILE B 78 -5.42 -20.49 -41.87
CA ILE B 78 -5.89 -19.83 -40.65
C ILE B 78 -6.20 -20.84 -39.54
N LEU B 79 -5.73 -20.55 -38.33
CA LEU B 79 -6.06 -21.30 -37.13
C LEU B 79 -7.37 -20.82 -36.54
N TYR B 80 -7.88 -21.59 -35.59
CA TYR B 80 -9.08 -21.22 -34.86
C TYR B 80 -8.96 -21.68 -33.41
N LEU B 81 -9.27 -20.81 -32.45
CA LEU B 81 -9.39 -21.20 -31.04
C LEU B 81 -10.77 -20.81 -30.50
N GLN B 82 -11.68 -21.78 -30.41
CA GLN B 82 -12.98 -21.55 -29.79
C GLN B 82 -12.82 -21.83 -28.30
N MET B 83 -13.29 -20.90 -27.48
CA MET B 83 -13.17 -21.02 -26.03
C MET B 83 -14.57 -20.90 -25.45
N SER B 84 -15.04 -21.96 -24.80
CA SER B 84 -16.37 -21.98 -24.22
C SER B 84 -16.28 -22.02 -22.70
N SER B 85 -17.27 -21.39 -22.04
CA SER B 85 -17.32 -21.35 -20.58
C SER B 85 -16.05 -20.70 -20.05
N LEU B 86 -15.78 -19.51 -20.56
CA LEU B 86 -14.64 -18.75 -20.09
C LEU B 86 -14.79 -18.40 -18.61
N ARG B 87 -13.68 -18.53 -17.87
CA ARG B 87 -13.63 -18.15 -16.46
C ARG B 87 -12.59 -17.05 -16.27
N SER B 88 -12.46 -16.61 -15.03
CA SER B 88 -11.60 -15.47 -14.72
C SER B 88 -10.12 -15.78 -14.96
N GLY B 89 -9.70 -17.02 -14.73
CA GLY B 89 -8.33 -17.45 -14.98
C GLY B 89 -7.91 -17.39 -16.44
N ASP B 90 -8.84 -17.19 -17.37
CA ASP B 90 -8.49 -17.19 -18.78
C ASP B 90 -8.02 -15.84 -19.31
N THR B 91 -8.01 -14.80 -18.47
CA THR B 91 -7.48 -13.52 -18.90
C THR B 91 -6.01 -13.65 -19.27
N ALA B 92 -5.68 -13.18 -20.46
CA ALA B 92 -4.32 -13.24 -21.00
C ALA B 92 -4.34 -12.71 -22.43
N MET B 93 -3.14 -12.42 -22.92
CA MET B 93 -2.87 -12.17 -24.33
C MET B 93 -2.53 -13.52 -24.98
N TYR B 94 -3.14 -13.82 -26.13
CA TYR B 94 -3.05 -15.14 -26.74
C TYR B 94 -2.33 -15.03 -28.08
N TYR B 95 -1.24 -15.79 -28.22
CA TYR B 95 -0.44 -15.81 -29.44
C TYR B 95 -0.64 -17.12 -30.19
N CYS B 96 -0.63 -17.06 -31.53
CA CYS B 96 -0.49 -18.27 -32.33
C CYS B 96 0.96 -18.42 -32.73
N ALA B 97 1.46 -19.64 -32.66
CA ALA B 97 2.86 -19.90 -32.92
C ALA B 97 3.03 -21.08 -33.86
N ARG B 98 4.03 -21.02 -34.72
CA ARG B 98 4.33 -22.17 -35.57
C ARG B 98 5.20 -23.15 -34.80
N ARG B 99 5.00 -24.42 -35.05
CA ARG B 99 5.81 -25.37 -34.40
C ARG B 99 6.63 -26.07 -35.45
N VAL B 100 7.91 -26.11 -35.22
CA VAL B 100 8.80 -26.74 -36.12
C VAL B 100 9.55 -27.90 -35.49
N THR B 101 9.90 -28.87 -36.29
CA THR B 101 10.64 -30.01 -35.80
C THR B 101 12.14 -29.82 -35.69
N THR B 102 12.68 -30.31 -34.60
CA THR B 102 14.08 -30.26 -34.27
C THR B 102 14.69 -31.67 -34.34
N VAL B 103 15.78 -31.89 -33.63
CA VAL B 103 16.43 -33.19 -33.60
C VAL B 103 15.60 -34.26 -32.95
N ALA B 104 14.99 -33.97 -31.83
CA ALA B 104 14.12 -34.95 -31.21
C ALA B 104 12.92 -34.36 -30.54
N GLU B 105 12.77 -33.06 -30.70
CA GLU B 105 11.67 -32.32 -30.12
C GLU B 105 11.08 -31.40 -31.12
N TYR B 106 10.39 -30.40 -30.62
CA TYR B 106 9.69 -29.36 -31.37
C TYR B 106 10.03 -27.98 -30.80
N TYR B 107 9.59 -26.93 -31.48
CA TYR B 107 10.01 -25.59 -31.10
C TYR B 107 9.15 -24.55 -31.79
N PHE B 108 8.84 -23.46 -31.08
CA PHE B 108 7.98 -22.40 -31.57
C PHE B 108 8.85 -21.31 -32.17
N ASP B 109 8.84 -21.22 -33.50
CA ASP B 109 9.67 -20.35 -34.32
C ASP B 109 9.24 -18.90 -34.46
N TYR B 110 8.04 -18.74 -34.99
CA TYR B 110 7.43 -17.45 -35.15
C TYR B 110 6.22 -17.41 -34.24
N TRP B 111 6.00 -16.24 -33.61
CA TRP B 111 4.80 -15.94 -32.86
C TRP B 111 4.18 -14.67 -33.42
N GLY B 112 2.86 -14.67 -33.56
CA GLY B 112 2.10 -13.50 -33.92
C GLY B 112 2.18 -12.44 -32.84
N GLN B 113 1.40 -11.38 -33.03
CA GLN B 113 1.39 -10.23 -32.12
C GLN B 113 0.42 -10.40 -30.94
N GLY B 114 -0.34 -11.50 -30.91
CA GLY B 114 -1.34 -11.73 -29.89
C GLY B 114 -2.58 -10.84 -30.00
N THR B 115 -3.75 -11.38 -29.64
CA THR B 115 -4.86 -10.56 -29.19
C THR B 115 -4.98 -10.71 -27.68
N THR B 116 -5.76 -9.81 -27.09
CA THR B 116 -5.97 -9.77 -25.66
C THR B 116 -7.39 -10.20 -25.36
N LEU B 117 -7.54 -10.94 -24.28
CA LEU B 117 -8.84 -11.43 -23.85
C LEU B 117 -8.98 -11.11 -22.37
N THR B 118 -9.87 -10.17 -22.04
CA THR B 118 -10.17 -9.83 -20.66
C THR B 118 -11.54 -10.46 -20.33
N VAL B 119 -11.53 -11.43 -19.43
CA VAL B 119 -12.72 -12.05 -18.88
C VAL B 119 -13.05 -11.34 -17.57
N SER B 120 -14.18 -10.62 -17.53
CA SER B 120 -14.64 -10.00 -16.29
C SER B 120 -16.06 -9.51 -16.46
N SER B 121 -16.72 -9.29 -15.33
CA SER B 121 -18.11 -8.85 -15.33
C SER B 121 -18.36 -7.36 -15.06
N PRO B 122 -17.39 -6.43 -15.24
CA PRO B 122 -17.68 -5.04 -14.86
C PRO B 122 -18.00 -4.16 -16.06
N LYS B 123 -18.65 -3.04 -15.82
CA LYS B 123 -18.97 -2.18 -16.93
C LYS B 123 -17.68 -1.63 -17.54
N THR B 124 -17.80 -1.19 -18.78
CA THR B 124 -16.77 -0.38 -19.41
C THR B 124 -16.95 1.04 -18.90
N THR B 125 -15.89 1.61 -18.34
CA THR B 125 -15.97 2.94 -17.75
C THR B 125 -14.96 3.88 -18.41
N PRO B 126 -15.38 5.08 -18.80
CA PRO B 126 -14.43 6.08 -19.31
C PRO B 126 -13.58 6.65 -18.18
N PRO B 127 -12.44 7.25 -18.50
CA PRO B 127 -11.53 7.72 -17.46
C PRO B 127 -11.77 9.18 -17.08
N SER B 128 -11.55 9.48 -15.80
CA SER B 128 -11.48 10.85 -15.32
C SER B 128 -10.05 11.36 -15.41
N VAL B 129 -9.84 12.47 -16.10
CA VAL B 129 -8.51 13.07 -16.26
C VAL B 129 -8.41 14.31 -15.39
N TYR B 130 -7.37 14.39 -14.56
CA TYR B 130 -7.14 15.55 -13.75
C TYR B 130 -5.76 16.13 -14.03
N PRO B 131 -5.64 17.45 -14.14
CA PRO B 131 -4.33 18.06 -14.41
C PRO B 131 -3.44 18.03 -13.19
N LEU B 132 -2.13 17.89 -13.43
CA LEU B 132 -1.12 17.87 -12.36
C LEU B 132 -0.19 19.06 -12.56
N ALA B 133 -0.62 20.21 -12.13
CA ALA B 133 0.27 21.33 -12.12
C ALA B 133 0.84 21.55 -10.72
N PRO B 134 2.02 22.16 -10.62
CA PRO B 134 2.57 22.51 -9.30
C PRO B 134 1.75 23.59 -8.58
N ALA B 135 1.88 23.62 -7.25
CA ALA B 135 1.19 24.62 -6.40
C ALA B 135 1.61 26.06 -6.74
N ALA B 140 10.20 27.24 -10.11
CA ALA B 140 11.29 27.67 -9.22
C ALA B 140 12.68 27.21 -9.73
N ALA B 141 12.72 26.74 -10.98
CA ALA B 141 13.97 26.33 -11.59
C ALA B 141 13.83 26.49 -13.10
N SER B 142 14.68 25.80 -13.86
CA SER B 142 14.81 25.99 -15.30
C SER B 142 14.34 24.79 -16.12
N MET B 143 13.46 23.96 -15.55
CA MET B 143 12.82 22.85 -16.26
C MET B 143 11.63 22.40 -15.44
N VAL B 144 10.49 22.17 -16.09
CA VAL B 144 9.23 21.90 -15.41
C VAL B 144 8.79 20.48 -15.72
N THR B 145 8.33 19.79 -14.68
CA THR B 145 7.69 18.49 -14.83
C THR B 145 6.20 18.66 -14.55
N LEU B 146 5.38 18.41 -15.56
CA LEU B 146 3.93 18.39 -15.41
C LEU B 146 3.46 16.94 -15.48
N GLY B 147 2.14 16.73 -15.29
CA GLY B 147 1.60 15.39 -15.30
C GLY B 147 0.14 15.34 -15.68
N CYS B 148 -0.39 14.13 -15.73
CA CYS B 148 -1.83 13.90 -15.89
C CYS B 148 -2.18 12.60 -15.18
N LEU B 149 -3.01 12.70 -14.14
CA LEU B 149 -3.53 11.53 -13.46
C LEU B 149 -4.80 11.00 -14.14
N VAL B 150 -4.71 9.79 -14.71
CA VAL B 150 -5.80 9.18 -15.45
C VAL B 150 -6.42 7.98 -14.73
N LYS B 151 -7.60 8.21 -14.16
CA LYS B 151 -8.12 7.47 -13.01
C LYS B 151 -9.50 6.90 -13.27
N GLY B 152 -9.77 5.72 -12.76
CA GLY B 152 -11.07 5.08 -12.81
C GLY B 152 -11.67 4.45 -14.03
N TYR B 153 -10.81 3.92 -14.89
CA TYR B 153 -11.20 3.34 -16.15
C TYR B 153 -11.10 1.85 -16.09
N PHE B 154 -11.99 1.19 -16.81
CA PHE B 154 -11.96 -0.22 -16.79
C PHE B 154 -11.15 -0.88 -17.85
N PRO B 155 -11.70 -1.02 -19.11
CA PRO B 155 -10.84 -1.75 -20.05
C PRO B 155 -9.49 -1.05 -20.12
N GLU B 156 -8.46 -1.74 -19.69
CA GLU B 156 -7.12 -1.23 -19.54
C GLU B 156 -6.33 -0.49 -20.59
N PRO B 157 -6.39 -0.77 -21.86
CA PRO B 157 -5.55 0.11 -22.74
C PRO B 157 -6.12 1.52 -22.79
N VAL B 158 -5.29 2.47 -22.38
CA VAL B 158 -5.57 3.89 -22.49
C VAL B 158 -4.45 4.50 -23.35
N THR B 159 -4.60 5.78 -23.74
CA THR B 159 -3.50 6.45 -24.43
C THR B 159 -3.37 7.90 -23.95
N VAL B 160 -2.12 8.33 -23.73
CA VAL B 160 -1.83 9.70 -23.30
C VAL B 160 -0.85 10.31 -24.30
N THR B 161 -1.31 11.25 -25.13
CA THR B 161 -0.50 11.94 -26.13
C THR B 161 -0.39 13.39 -25.71
N TRP B 162 0.82 13.93 -25.72
CA TRP B 162 1.10 15.27 -25.17
C TRP B 162 1.35 16.27 -26.29
N ASN B 163 0.56 17.34 -26.31
CA ASN B 163 0.56 18.32 -27.37
C ASN B 163 0.61 17.62 -28.73
N SER B 164 -0.14 16.51 -28.82
CA SER B 164 -0.41 15.83 -30.08
C SER B 164 0.88 15.30 -30.69
N GLY B 165 1.68 14.64 -29.85
CA GLY B 165 2.87 13.94 -30.27
C GLY B 165 4.15 14.70 -30.00
N SER B 166 4.06 16.02 -29.88
CA SER B 166 5.22 16.90 -29.95
C SER B 166 6.29 16.56 -28.90
N LEU B 167 5.86 16.30 -27.65
CA LEU B 167 6.79 16.21 -26.53
C LEU B 167 7.17 14.76 -26.18
N SER B 168 7.05 13.84 -27.14
CA SER B 168 7.28 12.42 -26.85
C SER B 168 8.60 12.17 -26.14
N SER B 169 9.65 12.87 -26.55
CA SER B 169 11.02 12.56 -26.14
C SER B 169 11.29 12.89 -24.69
N GLY B 170 10.34 13.50 -23.99
CA GLY B 170 10.46 13.77 -22.57
C GLY B 170 9.19 13.39 -21.86
N VAL B 171 8.71 12.17 -22.08
CA VAL B 171 7.47 11.65 -21.51
C VAL B 171 7.74 10.31 -20.84
N HIS B 172 7.35 10.20 -19.58
CA HIS B 172 7.33 8.94 -18.85
C HIS B 172 5.88 8.52 -18.67
N THR B 173 5.58 7.29 -19.06
CA THR B 173 4.24 6.73 -18.89
C THR B 173 4.31 5.58 -17.88
N PHE B 174 3.38 5.57 -16.93
CA PHE B 174 3.48 4.64 -15.83
C PHE B 174 2.37 3.61 -15.92
N PRO B 175 2.73 2.31 -15.88
CA PRO B 175 1.74 1.26 -16.14
C PRO B 175 0.52 1.44 -15.26
N ALA B 176 -0.65 1.17 -15.83
CA ALA B 176 -1.87 1.23 -15.06
C ALA B 176 -1.87 0.15 -13.98
N VAL B 177 -2.00 0.57 -12.73
CA VAL B 177 -2.16 -0.33 -11.59
C VAL B 177 -3.65 -0.42 -11.27
N LEU B 178 -4.13 -1.63 -10.96
CA LEU B 178 -5.53 -1.88 -10.68
C LEU B 178 -5.81 -1.75 -9.20
N GLN B 179 -6.85 -0.99 -8.85
CA GLN B 179 -7.52 -1.18 -7.57
C GLN B 179 -8.89 -0.49 -7.59
N SER B 180 -9.87 -1.21 -7.01
CA SER B 180 -11.30 -0.93 -7.04
C SER B 180 -11.96 -1.44 -8.31
N ASP B 181 -11.38 -2.50 -8.88
CA ASP B 181 -11.59 -2.95 -10.26
C ASP B 181 -11.75 -1.79 -11.24
N LEU B 182 -11.10 -0.68 -10.98
CA LEU B 182 -10.85 0.33 -11.98
C LEU B 182 -9.34 0.40 -12.15
N TYR B 183 -8.90 0.91 -13.28
CA TYR B 183 -7.48 1.08 -13.50
C TYR B 183 -7.09 2.53 -13.28
N THR B 184 -5.93 2.73 -12.70
CA THR B 184 -5.38 4.07 -12.49
C THR B 184 -3.95 4.07 -13.00
N LEU B 185 -3.65 4.99 -13.91
CA LEU B 185 -2.29 5.23 -14.35
C LEU B 185 -1.98 6.71 -14.19
N SER B 186 -0.72 7.04 -14.46
CA SER B 186 -0.23 8.40 -14.51
C SER B 186 0.74 8.53 -15.67
N SER B 187 0.92 9.76 -16.15
CA SER B 187 1.94 10.07 -17.14
C SER B 187 2.57 11.43 -16.83
N SER B 188 3.90 11.49 -16.84
CA SER B 188 4.63 12.74 -16.65
C SER B 188 5.30 13.19 -17.96
N VAL B 189 5.51 14.51 -18.07
CA VAL B 189 6.26 15.08 -19.18
C VAL B 189 7.16 16.16 -18.61
N THR B 190 8.24 16.43 -19.34
CA THR B 190 9.26 17.38 -18.95
C THR B 190 9.46 18.40 -20.08
N VAL B 191 9.71 19.64 -19.69
CA VAL B 191 9.54 20.77 -20.59
C VAL B 191 10.48 21.87 -20.15
N PRO B 192 11.23 22.51 -21.05
CA PRO B 192 12.07 23.65 -20.62
C PRO B 192 11.20 24.78 -20.12
N SER B 193 11.68 25.48 -19.09
CA SER B 193 10.88 26.56 -18.51
C SER B 193 10.47 27.59 -19.55
N SER B 194 11.32 27.82 -20.55
CA SER B 194 11.00 28.69 -21.67
C SER B 194 9.77 28.25 -22.46
N THR B 195 9.30 27.01 -22.25
CA THR B 195 8.14 26.51 -22.96
C THR B 195 6.84 26.65 -22.18
N TRP B 196 6.90 26.55 -20.87
CA TRP B 196 5.66 26.61 -20.11
C TRP B 196 5.78 27.50 -18.88
N PRO B 197 4.72 28.27 -18.59
CA PRO B 197 3.42 28.28 -19.27
C PRO B 197 3.27 29.30 -20.41
N SER B 198 4.38 29.79 -20.97
CA SER B 198 4.27 30.70 -22.09
C SER B 198 3.46 30.06 -23.20
N GLU B 199 3.65 28.75 -23.43
CA GLU B 199 2.89 28.03 -24.44
C GLU B 199 2.05 26.94 -23.81
N THR B 200 0.95 26.60 -24.48
CA THR B 200 0.05 25.55 -24.03
C THR B 200 0.76 24.20 -23.98
N VAL B 201 0.66 23.53 -22.83
CA VAL B 201 0.83 22.09 -22.74
C VAL B 201 -0.54 21.49 -22.49
N THR B 202 -0.91 20.51 -23.30
CA THR B 202 -2.17 19.80 -23.12
C THR B 202 -1.95 18.31 -23.32
N CYS B 203 -2.22 17.51 -22.29
CA CYS B 203 -2.26 16.08 -22.45
C CYS B 203 -3.63 15.65 -22.93
N ASN B 204 -3.67 14.54 -23.65
CA ASN B 204 -4.84 14.06 -24.38
C ASN B 204 -5.03 12.58 -24.08
N VAL B 205 -6.16 12.24 -23.47
CA VAL B 205 -6.43 10.87 -23.07
C VAL B 205 -7.52 10.33 -23.98
N ALA B 206 -7.24 9.21 -24.63
CA ALA B 206 -8.22 8.52 -25.46
C ALA B 206 -8.43 7.12 -24.88
N HIS B 207 -9.68 6.66 -24.92
CA HIS B 207 -10.06 5.36 -24.36
C HIS B 207 -10.90 4.61 -25.38
N PRO B 208 -10.25 3.86 -26.27
CA PRO B 208 -10.98 3.29 -27.42
C PRO B 208 -12.13 2.37 -27.01
N ALA B 209 -12.05 1.71 -25.86
CA ALA B 209 -13.11 0.80 -25.48
C ALA B 209 -14.42 1.51 -25.28
N SER B 210 -14.39 2.81 -25.03
CA SER B 210 -15.58 3.62 -24.85
C SER B 210 -15.74 4.71 -25.89
N SER B 211 -14.75 4.89 -26.79
CA SER B 211 -14.72 5.95 -27.78
C SER B 211 -14.77 7.32 -27.13
N THR B 212 -14.06 7.48 -26.00
CA THR B 212 -13.98 8.74 -25.30
C THR B 212 -12.56 9.28 -25.32
N LYS B 213 -12.42 10.51 -25.77
CA LYS B 213 -11.15 11.23 -25.72
C LYS B 213 -11.39 12.52 -24.98
N VAL B 214 -10.58 12.78 -23.94
CA VAL B 214 -10.65 13.97 -23.11
C VAL B 214 -9.35 14.75 -23.26
N ASP B 215 -9.44 16.09 -23.21
CA ASP B 215 -8.28 16.97 -23.23
C ASP B 215 -8.19 17.80 -21.95
N LYS B 216 -6.97 18.14 -21.55
CA LYS B 216 -6.73 18.89 -20.32
C LYS B 216 -5.58 19.86 -20.53
N LYS B 217 -5.87 21.14 -20.61
CA LYS B 217 -4.80 22.13 -20.58
C LYS B 217 -4.23 22.21 -19.17
N ILE B 218 -2.99 21.75 -18.97
CA ILE B 218 -2.30 22.09 -17.72
C ILE B 218 -2.13 23.60 -17.66
N VAL B 219 -2.77 24.22 -16.67
CA VAL B 219 -2.64 25.65 -16.40
C VAL B 219 -1.99 25.78 -15.03
N PRO B 220 -1.24 26.83 -14.76
CA PRO B 220 -0.48 26.92 -13.50
C PRO B 220 -1.29 27.49 -12.34
N ARG B 221 -1.17 26.85 -11.18
CA ARG B 221 -1.70 27.43 -9.94
C ARG B 221 -0.82 28.60 -9.48
N ASP C 1 6.38 31.66 16.95
CA ASP C 1 5.91 30.42 17.56
C ASP C 1 7.07 29.50 17.82
N ILE C 2 7.11 28.91 19.00
CA ILE C 2 8.21 28.02 19.33
C ILE C 2 7.78 26.59 19.03
N VAL C 3 8.52 25.94 18.16
CA VAL C 3 8.35 24.52 17.89
C VAL C 3 9.26 23.75 18.82
N LEU C 4 8.79 22.69 19.42
CA LEU C 4 9.64 21.94 20.27
C LEU C 4 9.69 20.66 19.52
N THR C 5 10.89 20.16 19.27
CA THR C 5 11.09 18.95 18.50
C THR C 5 11.69 17.89 19.40
N GLN C 6 11.13 16.71 19.38
CA GLN C 6 11.56 15.65 20.26
C GLN C 6 12.55 14.59 19.80
N SER C 7 13.58 14.40 20.62
CA SER C 7 14.76 13.52 20.50
C SER C 7 14.55 12.33 19.66
N PRO C 8 14.51 11.06 20.25
CA PRO C 8 14.16 10.01 19.32
C PRO C 8 12.66 9.90 19.50
N ALA C 9 11.96 9.71 18.40
CA ALA C 9 10.55 9.47 18.31
C ALA C 9 10.10 8.13 18.87
N ILE C 10 10.96 7.12 18.80
CA ILE C 10 10.67 5.81 19.32
C ILE C 10 11.93 5.36 20.00
N MET C 11 11.82 4.59 21.04
CA MET C 11 12.93 4.12 21.77
C MET C 11 12.49 2.87 22.43
N SER C 12 13.38 1.91 22.58
CA SER C 12 13.06 0.70 23.29
C SER C 12 14.18 0.57 24.26
N ALA C 13 13.89 0.35 25.53
CA ALA C 13 14.93 0.16 26.50
C ALA C 13 14.60 -1.12 27.23
N SER C 14 15.52 -1.58 28.06
CA SER C 14 15.24 -2.78 28.82
C SER C 14 15.46 -2.51 30.31
N PRO C 15 14.60 -3.06 31.18
CA PRO C 15 14.68 -2.70 32.61
C PRO C 15 16.07 -2.86 33.22
N GLY C 16 16.63 -1.74 33.66
CA GLY C 16 17.95 -1.70 34.26
C GLY C 16 18.96 -0.80 33.55
N GLU C 17 18.59 -0.12 32.46
CA GLU C 17 19.52 0.75 31.74
C GLU C 17 19.01 2.19 31.73
N LYS C 18 19.93 3.13 31.48
CA LYS C 18 19.56 4.54 31.41
C LYS C 18 18.65 4.80 30.22
N VAL C 19 17.87 5.87 30.31
CA VAL C 19 17.06 6.34 29.18
C VAL C 19 17.10 7.86 29.18
N THR C 20 17.44 8.46 28.03
CA THR C 20 17.41 9.91 27.86
C THR C 20 16.58 10.27 26.64
N MET C 21 15.65 11.21 26.83
CA MET C 21 14.96 11.87 25.74
C MET C 21 15.34 13.34 25.75
N THR C 22 15.30 13.94 24.58
CA THR C 22 15.59 15.35 24.38
C THR C 22 14.37 16.04 23.80
N CYS C 23 14.20 17.27 24.25
CA CYS C 23 13.28 18.25 23.68
C CYS C 23 14.19 19.35 23.15
N SER C 24 14.09 19.64 21.85
CA SER C 24 14.82 20.77 21.30
C SER C 24 13.86 21.87 20.87
N ALA C 25 14.27 23.12 21.09
CA ALA C 25 13.45 24.29 20.86
C ALA C 25 13.98 25.12 19.71
N SER C 26 13.06 25.76 18.98
CA SER C 26 13.42 26.70 17.95
C SER C 26 14.00 27.99 18.51
N SER C 27 13.82 28.26 19.79
CA SER C 27 14.24 29.51 20.40
C SER C 27 14.46 29.26 21.88
N SER C 28 15.14 30.19 22.54
CA SER C 28 15.43 30.06 23.96
C SER C 28 14.15 30.21 24.80
N VAL C 29 14.06 29.41 25.87
CA VAL C 29 12.96 29.45 26.83
C VAL C 29 13.54 29.30 28.24
N SER C 30 12.70 29.52 29.24
CA SER C 30 13.14 29.48 30.63
C SER C 30 12.88 28.15 31.33
N TYR C 31 11.81 27.45 30.95
CA TYR C 31 11.43 26.18 31.55
C TYR C 31 10.79 25.31 30.47
N ILE C 32 10.72 24.00 30.74
CA ILE C 32 10.02 23.06 29.86
C ILE C 32 9.34 22.01 30.71
N HIS C 33 8.08 21.71 30.42
CA HIS C 33 7.31 20.75 31.19
C HIS C 33 7.12 19.44 30.44
N TRP C 34 6.90 18.36 31.20
CA TRP C 34 6.78 17.02 30.63
C TRP C 34 5.52 16.34 31.13
N TYR C 35 4.88 15.60 30.24
CA TYR C 35 3.71 14.80 30.56
C TYR C 35 3.95 13.36 30.13
N GLN C 36 3.06 12.47 30.57
CA GLN C 36 3.15 11.09 30.15
C GLN C 36 1.76 10.57 29.78
N GLN C 37 1.70 9.78 28.70
CA GLN C 37 0.45 9.23 28.19
C GLN C 37 0.67 7.76 27.90
N LYS C 38 -0.16 6.90 28.49
CA LYS C 38 -0.28 5.52 28.09
C LYS C 38 -1.56 5.37 27.26
N SER C 39 -1.64 4.28 26.51
CA SER C 39 -2.76 4.10 25.58
C SER C 39 -4.10 4.17 26.31
N GLY C 40 -5.10 4.75 25.62
CA GLY C 40 -6.45 4.92 26.15
C GLY C 40 -6.58 5.84 27.34
N THR C 41 -5.50 6.50 27.76
CA THR C 41 -5.48 7.31 28.97
C THR C 41 -5.12 8.75 28.61
N SER C 42 -5.57 9.69 29.44
CA SER C 42 -5.17 11.07 29.25
C SER C 42 -3.68 11.20 29.53
N PRO C 43 -3.07 12.31 29.13
CA PRO C 43 -1.77 12.67 29.68
C PRO C 43 -1.83 12.78 31.20
N LYS C 44 -0.71 12.48 31.85
CA LYS C 44 -0.56 12.62 33.29
C LYS C 44 0.53 13.64 33.59
N ARG C 45 0.47 14.20 34.79
CA ARG C 45 1.52 15.12 35.25
C ARG C 45 2.78 14.34 35.57
N TRP C 46 3.92 14.83 35.11
CA TRP C 46 5.19 14.16 35.34
C TRP C 46 6.37 14.99 35.81
N ILE C 47 6.66 16.07 35.11
CA ILE C 47 7.76 16.94 35.45
C ILE C 47 7.23 18.33 35.29
N TYR C 48 7.55 19.25 36.18
CA TYR C 48 7.04 20.59 36.04
C TYR C 48 7.84 21.75 35.70
N ASP C 49 9.05 21.96 36.21
CA ASP C 49 9.71 23.18 35.76
C ASP C 49 10.67 22.75 34.72
N THR C 50 11.78 22.27 35.17
CA THR C 50 12.72 21.68 34.31
C THR C 50 13.09 20.52 35.15
N SER C 51 13.46 20.79 36.39
CA SER C 51 13.85 19.83 37.36
C SER C 51 12.89 19.08 38.24
N ARG C 52 11.81 19.76 38.54
CA ARG C 52 10.75 19.27 39.41
C ARG C 52 9.86 18.10 39.13
N LEU C 53 9.74 17.22 40.11
CA LEU C 53 8.97 16.01 40.04
C LEU C 53 7.59 16.12 40.65
N ALA C 54 6.60 15.55 40.00
CA ALA C 54 5.26 15.57 40.49
C ALA C 54 5.15 14.56 41.56
N PHE C 55 4.19 14.70 42.43
CA PHE C 55 3.92 13.75 43.51
C PHE C 55 3.54 12.39 42.94
N GLY C 56 4.30 11.36 43.29
CA GLY C 56 4.04 10.00 42.87
C GLY C 56 5.01 9.47 41.82
N VAL C 57 5.66 10.33 41.06
CA VAL C 57 6.69 9.92 40.11
C VAL C 57 7.89 9.42 40.89
N PRO C 58 8.46 8.27 40.56
CA PRO C 58 9.62 7.77 41.30
C PRO C 58 10.85 8.66 41.15
N GLY C 59 11.81 8.45 42.05
CA GLY C 59 13.05 9.20 42.03
C GLY C 59 13.95 8.92 40.83
N ARG C 60 13.76 7.83 40.11
CA ARG C 60 14.60 7.53 38.96
C ARG C 60 14.55 8.58 37.89
N PHE C 61 13.42 9.21 37.77
CA PHE C 61 13.25 10.26 36.84
C PHE C 61 13.88 11.57 37.24
N SER C 62 14.52 12.16 36.24
CA SER C 62 15.32 13.33 36.29
C SER C 62 14.86 14.31 35.27
N GLY C 63 15.32 15.53 35.38
CA GLY C 63 15.00 16.57 34.46
C GLY C 63 16.13 17.54 34.39
N SER C 64 16.64 17.74 33.22
CA SER C 64 17.73 18.65 32.97
C SER C 64 17.38 19.48 31.77
N GLY C 65 18.25 20.38 31.44
CA GLY C 65 18.05 21.22 30.31
C GLY C 65 18.32 22.66 30.59
N SER C 66 18.74 23.37 29.59
CA SER C 66 19.08 24.77 29.79
C SER C 66 19.05 25.44 28.43
N GLY C 67 18.18 26.45 28.26
CA GLY C 67 18.21 27.29 27.07
C GLY C 67 17.41 26.80 25.87
N THR C 68 18.05 26.03 24.99
CA THR C 68 17.38 25.56 23.78
C THR C 68 17.42 24.04 23.64
N SER C 69 17.86 23.33 24.67
CA SER C 69 17.83 21.86 24.73
C SER C 69 17.49 21.45 26.14
N TYR C 70 16.56 20.50 26.27
CA TYR C 70 16.16 19.97 27.55
C TYR C 70 16.11 18.46 27.45
N SER C 71 16.30 17.80 28.60
CA SER C 71 16.41 16.35 28.61
C SER C 71 15.67 15.75 29.79
N LEU C 72 14.94 14.69 29.51
CA LEU C 72 14.38 13.82 30.53
C LEU C 72 15.31 12.62 30.64
N THR C 73 15.72 12.28 31.85
CA THR C 73 16.53 11.10 32.07
C THR C 73 15.81 10.19 33.05
N ILE C 74 15.96 8.88 32.87
CA ILE C 74 15.55 7.86 33.84
C ILE C 74 16.62 6.77 33.89
N SER C 75 17.36 6.69 35.00
CA SER C 75 18.64 5.98 34.99
C SER C 75 18.55 4.53 35.46
N SER C 76 17.36 4.03 35.76
CA SER C 76 17.12 2.60 35.63
C SER C 76 15.70 2.40 35.14
N MET C 77 15.60 1.89 33.93
CA MET C 77 14.34 1.60 33.30
C MET C 77 13.57 0.54 34.09
N GLU C 78 12.25 0.69 34.12
CA GLU C 78 11.34 -0.32 34.63
C GLU C 78 10.15 -0.40 33.67
N ALA C 79 9.48 -1.55 33.63
CA ALA C 79 8.50 -1.79 32.57
C ALA C 79 7.31 -0.83 32.65
N GLU C 80 6.98 -0.34 33.85
CA GLU C 80 5.85 0.56 34.04
C GLU C 80 6.07 1.95 33.44
N ASP C 81 7.28 2.25 32.93
CA ASP C 81 7.57 3.55 32.34
C ASP C 81 7.29 3.59 30.85
N ALA C 82 6.97 2.47 30.23
CA ALA C 82 6.64 2.44 28.81
C ALA C 82 5.48 3.36 28.53
N ALA C 83 5.73 4.50 27.88
CA ALA C 83 4.67 5.47 27.62
C ALA C 83 5.14 6.40 26.51
N THR C 84 4.34 7.44 26.25
CA THR C 84 4.74 8.55 25.39
C THR C 84 4.90 9.80 26.24
N TYR C 85 6.01 10.50 26.05
CA TYR C 85 6.34 11.67 26.87
C TYR C 85 6.40 12.89 25.97
N TYR C 86 5.57 13.89 26.27
CA TYR C 86 5.52 15.15 25.55
C TYR C 86 6.12 16.26 26.41
N CYS C 87 6.82 17.19 25.76
CA CYS C 87 7.26 18.40 26.41
C CYS C 87 6.30 19.52 26.05
N GLN C 88 6.51 20.68 26.64
CA GLN C 88 5.68 21.86 26.35
C GLN C 88 6.38 23.08 26.92
N GLN C 89 6.39 24.18 26.17
CA GLN C 89 6.95 25.42 26.67
C GLN C 89 5.83 26.35 27.08
N TRP C 90 6.14 27.26 28.00
CA TRP C 90 5.25 28.34 28.41
C TRP C 90 5.97 29.66 28.18
N SER C 91 6.01 30.11 26.95
CA SER C 91 6.61 31.41 26.68
C SER C 91 5.76 32.30 25.80
N SER C 92 5.16 31.76 24.74
CA SER C 92 4.41 32.64 23.85
C SER C 92 3.14 31.97 23.35
N ASN C 93 3.26 30.71 22.96
CA ASN C 93 2.17 30.04 22.30
C ASN C 93 1.86 28.67 22.88
N TYR C 94 2.61 28.22 23.90
CA TYR C 94 2.26 27.06 24.71
C TYR C 94 2.10 25.81 23.85
N THR C 95 3.18 25.45 23.17
CA THR C 95 3.13 24.41 22.16
C THR C 95 3.78 23.13 22.69
N PHE C 96 3.55 22.04 21.97
CA PHE C 96 3.85 20.70 22.45
C PHE C 96 4.89 20.01 21.58
N GLY C 97 5.55 19.02 22.19
CA GLY C 97 6.38 18.12 21.42
C GLY C 97 5.56 17.06 20.71
N GLY C 98 6.22 16.41 19.73
CA GLY C 98 5.64 15.24 19.11
C GLY C 98 5.64 14.01 20.01
N GLY C 99 6.37 14.07 21.11
CA GLY C 99 6.49 12.94 22.00
C GLY C 99 7.69 12.06 21.70
N THR C 100 8.00 11.19 22.67
CA THR C 100 8.91 10.08 22.48
C THR C 100 8.21 8.83 22.99
N ASN C 101 8.13 7.80 22.14
CA ASN C 101 7.38 6.58 22.45
C ASN C 101 8.33 5.56 23.08
N LEU C 102 8.34 5.52 24.41
CA LEU C 102 9.20 4.60 25.14
C LEU C 102 8.58 3.22 25.21
N GLU C 103 9.40 2.19 25.01
CA GLU C 103 8.96 0.82 24.80
C GLU C 103 9.92 -0.13 25.49
N ILE C 104 9.44 -1.32 25.80
CA ILE C 104 10.26 -2.33 26.48
C ILE C 104 11.03 -3.14 25.43
N LYS C 105 12.33 -3.33 25.69
CA LYS C 105 13.17 -4.19 24.87
C LYS C 105 13.15 -5.59 25.47
N ARG C 106 12.99 -6.59 24.60
CA ARG C 106 12.92 -7.98 25.02
C ARG C 106 13.55 -8.86 23.96
N ALA C 107 13.69 -10.14 24.29
CA ALA C 107 14.35 -11.07 23.40
C ALA C 107 13.64 -11.14 22.05
N ASP C 108 14.43 -11.06 20.96
CA ASP C 108 13.89 -11.18 19.61
C ASP C 108 12.90 -12.34 19.51
N ALA C 109 11.68 -12.04 19.08
CA ALA C 109 10.63 -13.05 18.96
C ALA C 109 10.14 -13.14 17.53
N ALA C 110 9.96 -14.42 17.02
CA ALA C 110 9.57 -14.53 15.62
C ALA C 110 8.05 -14.68 15.48
N PRO C 111 7.51 -14.33 14.32
CA PRO C 111 6.05 -14.21 14.19
C PRO C 111 5.38 -15.55 13.90
N THR C 112 4.20 -15.73 14.48
CA THR C 112 3.35 -16.89 14.18
C THR C 112 2.39 -16.48 13.08
N VAL C 113 2.51 -17.13 11.90
CA VAL C 113 1.89 -16.67 10.66
C VAL C 113 0.61 -17.46 10.37
N SER C 114 -0.39 -16.76 9.84
CA SER C 114 -1.73 -17.31 9.61
C SER C 114 -2.29 -16.75 8.31
N ILE C 115 -2.78 -17.61 7.43
CA ILE C 115 -3.34 -17.18 6.15
C ILE C 115 -4.79 -17.64 6.10
N PHE C 116 -5.66 -16.78 5.55
CA PHE C 116 -7.09 -17.09 5.47
C PHE C 116 -7.65 -16.67 4.12
N PRO C 117 -8.25 -17.58 3.38
CA PRO C 117 -8.97 -17.19 2.16
C PRO C 117 -10.13 -16.25 2.48
N PRO C 118 -10.76 -15.70 1.45
CA PRO C 118 -11.98 -14.91 1.67
C PRO C 118 -13.11 -15.79 2.19
N SER C 119 -14.07 -15.13 2.82
CA SER C 119 -15.32 -15.78 3.18
C SER C 119 -16.22 -15.98 1.96
N SER C 120 -16.84 -17.15 1.88
CA SER C 120 -17.89 -17.38 0.90
C SER C 120 -18.97 -16.31 0.96
N GLU C 121 -19.03 -15.56 2.04
CA GLU C 121 -20.05 -14.55 2.27
C GLU C 121 -19.65 -13.20 1.69
N GLN C 122 -18.37 -12.83 1.79
CA GLN C 122 -17.90 -11.65 1.08
C GLN C 122 -17.91 -11.88 -0.42
N LEU C 123 -17.64 -13.12 -0.85
CA LEU C 123 -17.50 -13.44 -2.28
C LEU C 123 -18.83 -13.34 -3.02
N THR C 124 -19.92 -13.72 -2.37
CA THR C 124 -21.23 -13.51 -2.96
C THR C 124 -21.52 -12.04 -3.23
N SER C 125 -20.86 -11.15 -2.48
CA SER C 125 -21.06 -9.71 -2.56
C SER C 125 -20.22 -9.02 -3.63
N GLY C 126 -19.35 -9.76 -4.30
CA GLY C 126 -18.53 -9.19 -5.35
C GLY C 126 -17.15 -8.71 -4.95
N GLY C 127 -16.61 -9.16 -3.81
CA GLY C 127 -15.30 -8.72 -3.40
C GLY C 127 -14.52 -9.89 -2.84
N ALA C 128 -13.23 -9.63 -2.57
CA ALA C 128 -12.39 -10.65 -1.96
C ALA C 128 -11.24 -10.02 -1.20
N SER C 129 -11.18 -10.29 0.11
CA SER C 129 -10.06 -9.90 0.97
C SER C 129 -9.33 -11.14 1.47
N VAL C 130 -8.02 -11.17 1.26
CA VAL C 130 -7.16 -12.26 1.74
C VAL C 130 -6.37 -11.74 2.93
N VAL C 131 -6.54 -12.38 4.09
CA VAL C 131 -5.93 -11.88 5.33
C VAL C 131 -4.68 -12.68 5.68
N CYS C 132 -3.74 -12.00 6.32
CA CYS C 132 -2.55 -12.65 6.85
C CYS C 132 -2.29 -12.08 8.23
N PHE C 133 -2.17 -12.95 9.23
CA PHE C 133 -1.83 -12.55 10.58
C PHE C 133 -0.40 -12.96 10.92
N LEU C 134 0.31 -12.08 11.60
CA LEU C 134 1.65 -12.37 12.12
C LEU C 134 1.65 -12.00 13.60
N ASN C 135 1.54 -12.99 14.47
CA ASN C 135 1.30 -12.76 15.88
C ASN C 135 2.55 -12.99 16.72
N ASN C 136 2.81 -12.06 17.64
CA ASN C 136 3.75 -12.22 18.74
C ASN C 136 5.19 -12.28 18.27
N PHE C 137 5.65 -11.24 17.58
CA PHE C 137 7.04 -11.15 17.17
C PHE C 137 7.72 -9.98 17.87
N TYR C 138 9.05 -10.02 17.88
CA TYR C 138 9.85 -8.87 18.31
C TYR C 138 11.24 -8.92 17.62
N PRO C 139 11.77 -7.76 17.20
CA PRO C 139 11.19 -6.43 17.41
C PRO C 139 10.12 -6.09 16.39
N LYS C 140 9.80 -4.80 16.27
CA LYS C 140 8.63 -4.40 15.51
C LYS C 140 8.87 -4.39 14.00
N ASP C 141 10.06 -3.99 13.57
CA ASP C 141 10.30 -3.89 12.14
C ASP C 141 10.22 -5.26 11.50
N ILE C 142 9.49 -5.33 10.38
CA ILE C 142 9.15 -6.58 9.74
C ILE C 142 8.70 -6.23 8.33
N ASN C 143 8.87 -7.16 7.41
CA ASN C 143 8.43 -6.97 6.04
C ASN C 143 7.55 -8.17 5.66
N VAL C 144 6.38 -7.87 5.13
CA VAL C 144 5.49 -8.89 4.56
C VAL C 144 5.35 -8.59 3.07
N LYS C 145 5.26 -9.63 2.27
CA LYS C 145 5.02 -9.47 0.84
C LYS C 145 4.00 -10.50 0.40
N TRP C 146 3.11 -10.08 -0.49
CA TRP C 146 2.17 -10.99 -1.13
C TRP C 146 2.73 -11.42 -2.48
N LYS C 147 2.75 -12.72 -2.70
CA LYS C 147 3.14 -13.28 -3.96
C LYS C 147 1.94 -14.02 -4.51
N ILE C 148 1.47 -13.60 -5.68
CA ILE C 148 0.26 -14.15 -6.30
C ILE C 148 0.67 -14.86 -7.58
N ASP C 149 0.59 -16.20 -7.58
CA ASP C 149 1.04 -17.01 -8.71
C ASP C 149 2.48 -16.70 -9.06
N GLY C 150 3.33 -16.63 -8.04
CA GLY C 150 4.73 -16.37 -8.24
C GLY C 150 5.08 -14.91 -8.51
N SER C 151 4.10 -14.02 -8.61
CA SER C 151 4.40 -12.60 -8.81
C SER C 151 4.55 -11.93 -7.44
N GLU C 152 4.36 -10.62 -7.39
CA GLU C 152 4.31 -9.87 -6.15
C GLU C 152 3.31 -8.75 -6.35
N ARG C 153 2.61 -8.39 -5.28
CA ARG C 153 1.64 -7.32 -5.40
C ARG C 153 1.68 -6.45 -4.15
N GLN C 154 1.59 -5.13 -4.37
CA GLN C 154 1.67 -4.13 -3.31
C GLN C 154 0.43 -3.27 -3.15
N ASN C 155 -0.44 -3.22 -4.15
CA ASN C 155 -1.59 -2.33 -4.16
C ASN C 155 -2.78 -2.91 -3.41
N GLY C 156 -3.35 -2.11 -2.50
CA GLY C 156 -4.53 -2.52 -1.76
C GLY C 156 -4.24 -3.37 -0.55
N VAL C 157 -3.03 -3.26 -0.01
CA VAL C 157 -2.61 -4.01 1.16
C VAL C 157 -2.68 -3.07 2.37
N LEU C 158 -3.39 -3.50 3.43
CA LEU C 158 -3.57 -2.72 4.65
C LEU C 158 -2.79 -3.38 5.79
N ASN C 159 -1.90 -2.63 6.42
CA ASN C 159 -1.05 -3.15 7.48
C ASN C 159 -1.32 -2.43 8.80
N SER C 160 -1.64 -3.20 9.85
CA SER C 160 -1.91 -2.70 11.19
C SER C 160 -0.91 -3.28 12.17
N TRP C 161 -0.52 -2.50 13.14
CA TRP C 161 0.38 -2.96 14.15
C TRP C 161 -0.16 -2.75 15.55
N THR C 162 -0.19 -3.80 16.37
CA THR C 162 -0.61 -3.64 17.76
C THR C 162 0.43 -2.90 18.59
N ASP C 163 -0.03 -2.19 19.61
CA ASP C 163 0.93 -1.64 20.56
C ASP C 163 1.57 -2.78 21.33
N GLN C 164 2.73 -2.52 21.92
CA GLN C 164 3.48 -3.59 22.56
C GLN C 164 2.57 -4.34 23.52
N ASP C 165 2.60 -5.67 23.47
CA ASP C 165 1.71 -6.46 24.29
C ASP C 165 1.94 -6.19 25.76
N SER C 166 0.85 -6.03 26.52
CA SER C 166 0.95 -5.75 27.95
C SER C 166 1.60 -6.88 28.72
N LYS C 167 1.63 -8.10 28.15
CA LYS C 167 2.03 -9.32 28.83
C LYS C 167 3.38 -9.86 28.32
N ASP C 168 3.49 -10.24 27.05
CA ASP C 168 4.78 -10.73 26.57
C ASP C 168 5.62 -9.64 25.92
N SER C 169 5.09 -8.43 25.75
CA SER C 169 5.82 -7.30 25.19
C SER C 169 6.21 -7.53 23.72
N THR C 170 5.45 -8.36 23.00
CA THR C 170 5.62 -8.51 21.56
C THR C 170 4.72 -7.54 20.80
N TYR C 171 4.91 -7.51 19.49
CA TYR C 171 3.98 -6.83 18.60
C TYR C 171 3.28 -7.85 17.71
N SER C 172 2.18 -7.42 17.15
CA SER C 172 1.46 -8.22 16.17
C SER C 172 1.02 -7.34 15.02
N MET C 173 0.59 -8.00 13.95
CA MET C 173 0.35 -7.28 12.72
C MET C 173 -0.63 -8.05 11.84
N SER C 174 -1.45 -7.30 11.11
CA SER C 174 -2.45 -7.82 10.23
C SER C 174 -2.20 -7.28 8.82
N SER C 175 -2.31 -8.15 7.82
CA SER C 175 -2.11 -7.78 6.42
C SER C 175 -3.27 -8.27 5.59
N THR C 176 -3.85 -7.38 4.79
CA THR C 176 -5.11 -7.64 4.09
C THR C 176 -5.00 -7.20 2.64
N LEU C 177 -5.11 -8.16 1.73
CA LEU C 177 -5.12 -7.91 0.29
C LEU C 177 -6.59 -7.81 -0.16
N THR C 178 -7.07 -6.59 -0.37
CA THR C 178 -8.46 -6.36 -0.76
C THR C 178 -8.54 -6.28 -2.27
N LEU C 179 -9.19 -7.27 -2.88
CA LEU C 179 -9.31 -7.40 -4.33
C LEU C 179 -10.78 -7.45 -4.69
N THR C 180 -11.08 -7.60 -5.97
CA THR C 180 -12.46 -7.87 -6.31
C THR C 180 -12.68 -9.38 -6.26
N LYS C 181 -13.90 -9.81 -6.59
CA LYS C 181 -14.14 -11.24 -6.78
C LYS C 181 -13.47 -11.71 -8.05
N ASP C 182 -13.75 -11.04 -9.16
CA ASP C 182 -13.16 -11.42 -10.43
C ASP C 182 -11.63 -11.33 -10.39
N GLU C 183 -11.07 -10.35 -9.67
CA GLU C 183 -9.62 -10.31 -9.60
C GLU C 183 -9.07 -11.52 -8.87
N TYR C 184 -9.75 -11.95 -7.81
CA TYR C 184 -9.24 -13.04 -6.99
C TYR C 184 -9.38 -14.37 -7.71
N GLU C 185 -10.43 -14.52 -8.50
CA GLU C 185 -10.61 -15.74 -9.27
C GLU C 185 -9.70 -15.81 -10.49
N ARG C 186 -8.97 -14.73 -10.81
CA ARG C 186 -8.02 -14.77 -11.91
C ARG C 186 -6.87 -15.73 -11.60
N HIS C 187 -6.33 -15.67 -10.37
CA HIS C 187 -5.16 -16.40 -9.95
C HIS C 187 -5.53 -17.67 -9.18
N ASN C 188 -4.52 -18.35 -8.63
CA ASN C 188 -4.77 -19.61 -7.92
C ASN C 188 -3.95 -19.77 -6.64
N SER C 189 -2.68 -19.38 -6.63
CA SER C 189 -1.82 -19.55 -5.46
C SER C 189 -1.56 -18.21 -4.77
N TYR C 190 -1.94 -18.11 -3.51
CA TYR C 190 -1.76 -16.89 -2.73
C TYR C 190 -0.84 -17.15 -1.55
N THR C 191 -0.08 -16.13 -1.15
CA THR C 191 1.06 -16.37 -0.30
C THR C 191 1.54 -15.10 0.37
N CYS C 192 1.73 -15.15 1.69
CA CYS C 192 2.38 -14.03 2.39
C CYS C 192 3.71 -14.49 2.95
N GLU C 193 4.78 -13.84 2.50
CA GLU C 193 6.15 -14.14 2.89
C GLU C 193 6.58 -13.08 3.88
N ALA C 194 6.79 -13.48 5.13
CA ALA C 194 7.13 -12.56 6.21
C ALA C 194 8.61 -12.63 6.50
N THR C 195 9.32 -11.53 6.26
CA THR C 195 10.73 -11.40 6.54
C THR C 195 10.93 -10.72 7.88
N HIS C 196 11.92 -11.17 8.64
CA HIS C 196 12.15 -10.60 9.96
C HIS C 196 13.61 -10.69 10.37
N LYS C 197 13.98 -9.86 11.34
CA LYS C 197 15.33 -9.93 11.90
C LYS C 197 15.64 -11.29 12.53
N THR C 198 14.61 -12.03 12.93
CA THR C 198 14.82 -13.31 13.60
C THR C 198 15.47 -14.40 12.75
N SER C 199 14.82 -14.84 11.67
CA SER C 199 15.43 -15.80 10.76
C SER C 199 16.05 -15.10 9.55
N THR C 200 16.91 -15.82 8.85
CA THR C 200 17.48 -15.26 7.63
C THR C 200 16.61 -15.54 6.41
N SER C 201 15.93 -16.64 6.41
CA SER C 201 15.01 -17.06 5.37
C SER C 201 13.58 -16.71 5.77
N PRO C 202 12.73 -16.37 4.80
CA PRO C 202 11.36 -15.96 5.13
C PRO C 202 10.56 -17.07 5.79
N ILE C 203 9.51 -16.66 6.49
CA ILE C 203 8.44 -17.55 6.93
C ILE C 203 7.30 -17.37 5.96
N VAL C 204 6.77 -18.46 5.42
CA VAL C 204 5.86 -18.37 4.29
C VAL C 204 4.62 -19.20 4.55
N LYS C 205 3.46 -18.61 4.29
CA LYS C 205 2.21 -19.33 4.34
C LYS C 205 1.51 -19.10 3.02
N SER C 206 0.80 -20.13 2.59
CA SER C 206 0.29 -20.23 1.24
C SER C 206 -1.04 -20.96 1.29
N PHE C 207 -1.81 -20.80 0.22
CA PHE C 207 -2.93 -21.67 -0.05
C PHE C 207 -3.22 -21.54 -1.53
N ASN C 208 -4.03 -22.46 -2.04
CA ASN C 208 -4.47 -22.41 -3.42
C ASN C 208 -5.97 -22.25 -3.45
N ARG C 209 -6.43 -21.51 -4.45
CA ARG C 209 -7.85 -21.18 -4.54
C ARG C 209 -8.70 -22.40 -4.84
N ASN C 210 -8.10 -23.46 -5.38
CA ASN C 210 -8.84 -24.59 -5.92
C ASN C 210 -9.02 -25.74 -4.92
N GLU C 211 -9.20 -25.44 -3.62
CA GLU C 211 -9.44 -26.47 -2.62
C GLU C 211 -10.76 -26.32 -1.86
N CYS C 212 -11.59 -25.34 -2.19
CA CYS C 212 -12.85 -25.11 -1.50
C CYS C 212 -13.86 -24.37 -2.39
N GLU D 1 -12.14 12.98 44.96
CA GLU D 1 -10.91 13.05 44.19
C GLU D 1 -11.02 14.18 43.15
N VAL D 2 -9.89 14.67 42.64
CA VAL D 2 -9.89 15.55 41.48
C VAL D 2 -10.36 14.77 40.26
N LYS D 3 -11.48 15.18 39.70
CA LYS D 3 -12.06 14.54 38.52
C LYS D 3 -12.49 15.61 37.54
N LEU D 4 -12.31 15.30 36.24
CA LEU D 4 -12.80 16.10 35.13
C LEU D 4 -13.45 15.16 34.13
N VAL D 5 -14.65 15.50 33.67
CA VAL D 5 -15.43 14.60 32.82
C VAL D 5 -16.17 15.42 31.77
N GLU D 6 -15.80 15.23 30.51
CA GLU D 6 -16.31 16.01 29.40
C GLU D 6 -17.43 15.28 28.67
N SER D 7 -18.30 16.05 28.01
CA SER D 7 -19.38 15.45 27.26
C SER D 7 -19.73 16.35 26.08
N GLY D 8 -20.53 15.80 25.17
CA GLY D 8 -20.73 16.37 23.86
C GLY D 8 -19.72 15.82 22.86
N GLY D 9 -20.08 15.86 21.60
CA GLY D 9 -19.06 15.37 20.70
C GLY D 9 -19.54 14.18 19.90
N GLY D 10 -19.01 14.06 18.68
CA GLY D 10 -19.43 13.02 17.76
C GLY D 10 -19.48 13.55 16.34
N SER D 11 -20.24 12.86 15.49
CA SER D 11 -20.27 13.20 14.06
C SER D 11 -21.06 14.49 13.83
N VAL D 12 -20.44 15.45 13.16
CA VAL D 12 -21.09 16.71 12.78
C VAL D 12 -20.51 17.11 11.42
N LYS D 13 -21.39 17.51 10.49
CA LYS D 13 -20.92 17.89 9.16
C LYS D 13 -20.21 19.24 9.26
N PRO D 14 -19.21 19.48 8.42
CA PRO D 14 -18.51 20.78 8.48
C PRO D 14 -19.48 21.91 8.15
N GLY D 15 -19.32 23.03 8.87
CA GLY D 15 -20.27 24.10 8.90
C GLY D 15 -21.28 24.04 10.03
N GLY D 16 -21.45 22.88 10.66
CA GLY D 16 -22.27 22.81 11.87
C GLY D 16 -21.53 23.38 13.07
N SER D 17 -22.31 23.80 14.06
CA SER D 17 -21.80 24.26 15.35
C SER D 17 -21.88 23.16 16.40
N LEU D 18 -21.13 23.32 17.48
CA LEU D 18 -21.18 22.34 18.54
C LEU D 18 -20.76 22.97 19.86
N LYS D 19 -21.13 22.30 20.96
CA LYS D 19 -20.87 22.78 22.33
C LYS D 19 -20.51 21.63 23.24
N LEU D 20 -19.31 21.67 23.80
CA LEU D 20 -18.85 20.72 24.79
C LEU D 20 -19.02 21.30 26.18
N SER D 21 -18.90 20.43 27.19
CA SER D 21 -18.92 20.84 28.59
C SER D 21 -18.16 19.80 29.42
N CYS D 22 -17.35 20.30 30.35
CA CYS D 22 -16.53 19.53 31.29
C CYS D 22 -16.99 19.81 32.72
N ALA D 23 -17.04 18.76 33.56
CA ALA D 23 -17.61 18.84 34.91
C ALA D 23 -16.55 18.55 35.98
N ALA D 24 -16.19 19.57 36.77
CA ALA D 24 -15.19 19.44 37.81
C ALA D 24 -15.71 18.79 39.08
N SER D 25 -14.76 18.24 39.83
CA SER D 25 -15.01 17.44 41.02
C SER D 25 -13.82 17.53 41.96
N GLY D 26 -14.08 17.80 43.24
CA GLY D 26 -13.01 17.59 44.20
C GLY D 26 -11.93 18.63 44.25
N PHE D 27 -12.23 19.86 43.83
CA PHE D 27 -11.43 21.00 44.21
C PHE D 27 -12.28 22.25 44.07
N SER D 28 -11.99 23.26 44.90
CA SER D 28 -12.64 24.55 44.78
C SER D 28 -12.37 25.08 43.39
N PHE D 29 -13.38 25.04 42.55
CA PHE D 29 -13.20 25.22 41.11
C PHE D 29 -12.80 26.64 40.75
N SER D 30 -13.33 27.64 41.47
CA SER D 30 -13.17 29.04 41.08
C SER D 30 -11.72 29.45 40.97
N THR D 31 -10.84 28.81 41.72
CA THR D 31 -9.51 29.37 41.93
C THR D 31 -8.51 29.02 40.82
N TYR D 32 -8.88 28.19 39.84
CA TYR D 32 -7.93 27.66 38.85
C TYR D 32 -8.29 28.08 37.44
N GLY D 33 -7.32 28.59 36.70
CA GLY D 33 -7.49 28.76 35.28
C GLY D 33 -7.77 27.43 34.61
N MET D 34 -8.66 27.45 33.61
CA MET D 34 -9.14 26.24 32.98
C MET D 34 -8.94 26.33 31.47
N SER D 35 -8.71 25.17 30.84
CA SER D 35 -8.24 25.14 29.48
C SER D 35 -8.77 23.92 28.75
N TRP D 36 -8.78 24.01 27.42
CA TRP D 36 -9.07 22.88 26.55
C TRP D 36 -7.82 22.54 25.77
N VAL D 37 -7.54 21.26 25.63
CA VAL D 37 -6.40 20.79 24.84
C VAL D 37 -6.87 19.60 24.01
N ARG D 38 -6.46 19.57 22.74
CA ARG D 38 -6.96 18.56 21.82
C ARG D 38 -5.82 17.77 21.21
N GLN D 39 -6.04 16.48 21.04
CA GLN D 39 -5.10 15.55 20.50
C GLN D 39 -5.68 14.93 19.28
N THR D 40 -4.89 14.84 18.25
CA THR D 40 -5.34 14.29 17.01
C THR D 40 -5.35 12.80 17.07
N PRO D 41 -6.00 12.20 16.02
CA PRO D 41 -5.96 10.75 16.00
C PRO D 41 -4.53 10.20 15.86
N GLU D 42 -3.68 10.94 15.17
CA GLU D 42 -2.25 10.71 14.98
C GLU D 42 -1.98 11.33 16.29
N LYS D 43 -0.92 11.11 17.04
CA LYS D 43 -0.87 11.66 18.43
C LYS D 43 -0.48 13.03 19.09
N ARG D 44 -0.03 14.05 18.39
CA ARG D 44 0.31 15.34 19.04
C ARG D 44 -0.84 16.17 19.55
N LEU D 45 -0.54 16.96 20.54
CA LEU D 45 -1.45 17.82 21.23
C LEU D 45 -1.51 19.25 20.83
N GLU D 46 -2.67 19.86 20.96
CA GLU D 46 -2.80 21.26 20.67
C GLU D 46 -3.56 22.02 21.72
N TRP D 47 -3.00 23.08 22.26
CA TRP D 47 -3.77 23.98 23.12
C TRP D 47 -4.88 24.66 22.33
N VAL D 48 -6.08 24.70 22.89
CA VAL D 48 -7.25 25.26 22.20
C VAL D 48 -7.73 26.56 22.85
N ALA D 49 -7.71 26.67 24.18
CA ALA D 49 -8.30 27.80 24.89
C ALA D 49 -7.91 27.75 26.36
N THR D 50 -8.06 28.90 27.04
CA THR D 50 -7.78 29.05 28.46
C THR D 50 -8.71 30.11 29.05
N ILE D 51 -9.26 29.83 30.23
CA ILE D 51 -10.10 30.79 30.92
C ILE D 51 -9.53 31.11 32.30
N SER D 52 -9.55 32.40 32.64
CA SER D 52 -9.04 32.99 33.87
C SER D 52 -9.74 32.40 35.09
N GLY D 53 -9.34 32.80 36.30
CA GLY D 53 -10.01 32.30 37.49
C GLY D 53 -11.40 32.90 37.69
N GLY D 54 -11.49 34.22 37.60
CA GLY D 54 -12.77 34.87 37.46
C GLY D 54 -13.20 34.88 36.01
N GLY D 55 -14.10 35.81 35.70
CA GLY D 55 -14.34 36.12 34.32
C GLY D 55 -13.01 36.45 33.68
N GLY D 56 -12.36 37.49 34.22
CA GLY D 56 -11.06 37.95 33.80
C GLY D 56 -10.84 37.84 32.30
N TYR D 57 -9.82 37.07 31.93
CA TYR D 57 -9.34 37.00 30.56
C TYR D 57 -9.60 35.62 29.96
N THR D 58 -9.96 35.59 28.68
CA THR D 58 -9.80 34.39 27.88
C THR D 58 -8.53 34.51 27.02
N TYR D 59 -8.03 33.37 26.58
CA TYR D 59 -6.88 33.32 25.69
C TYR D 59 -7.10 32.25 24.63
N TYR D 60 -6.52 32.49 23.46
CA TYR D 60 -6.71 31.62 22.31
C TYR D 60 -5.47 31.58 21.43
N PRO D 61 -5.14 30.44 20.84
CA PRO D 61 -4.15 30.41 19.76
C PRO D 61 -4.81 30.89 18.49
N ASP D 62 -4.01 31.11 17.46
CA ASP D 62 -4.61 31.67 16.27
C ASP D 62 -5.28 30.64 15.38
N SER D 63 -5.01 29.36 15.58
CA SER D 63 -5.62 28.30 14.79
C SER D 63 -7.14 28.20 15.01
N VAL D 64 -7.67 29.04 15.90
CA VAL D 64 -9.01 28.85 16.45
C VAL D 64 -9.69 30.20 16.70
N LYS D 65 -8.86 31.25 16.84
CA LYS D 65 -9.26 32.60 17.25
C LYS D 65 -10.36 33.17 16.38
N GLY D 66 -11.61 32.99 16.79
CA GLY D 66 -12.69 33.52 15.98
C GLY D 66 -13.85 32.55 15.85
N ARG D 67 -13.63 31.29 16.22
CA ARG D 67 -14.66 30.29 16.08
C ARG D 67 -14.97 29.52 17.35
N PHE D 68 -14.13 29.60 18.37
CA PHE D 68 -14.39 28.93 19.63
C PHE D 68 -14.51 29.97 20.74
N THR D 69 -15.40 29.69 21.69
CA THR D 69 -15.52 30.51 22.89
C THR D 69 -15.58 29.61 24.12
N ILE D 70 -14.73 29.91 25.10
CA ILE D 70 -14.64 29.13 26.33
C ILE D 70 -15.41 29.86 27.43
N SER D 71 -16.00 29.10 28.34
CA SER D 71 -16.76 29.64 29.46
C SER D 71 -16.55 28.79 30.70
N ARG D 72 -16.77 29.43 31.85
CA ARG D 72 -16.95 28.75 33.10
C ARG D 72 -18.24 29.25 33.72
N ASP D 73 -18.83 28.40 34.54
CA ASP D 73 -19.89 28.76 35.49
C ASP D 73 -19.42 28.20 36.82
N ASN D 74 -18.93 29.07 37.71
CA ASN D 74 -18.47 28.63 39.03
C ASN D 74 -19.60 28.34 39.99
N ALA D 75 -20.82 28.20 39.46
CA ALA D 75 -21.96 27.76 40.24
C ALA D 75 -22.22 26.28 40.10
N ARG D 76 -21.75 25.66 39.00
CA ARG D 76 -21.89 24.22 38.79
C ARG D 76 -20.56 23.52 38.68
N ASN D 77 -19.45 24.22 38.91
CA ASN D 77 -18.10 23.72 38.63
C ASN D 77 -18.10 23.07 37.24
N ILE D 78 -18.14 23.92 36.21
CA ILE D 78 -18.37 23.46 34.84
C ILE D 78 -17.72 24.40 33.84
N LEU D 79 -16.72 23.90 33.11
CA LEU D 79 -16.13 24.55 31.95
C LEU D 79 -17.01 24.34 30.72
N TYR D 80 -16.88 25.23 29.74
CA TYR D 80 -17.60 25.12 28.47
C TYR D 80 -16.70 25.45 27.30
N LEU D 81 -16.99 24.86 26.14
CA LEU D 81 -16.38 25.32 24.90
C LEU D 81 -17.41 25.21 23.79
N GLN D 82 -17.89 26.36 23.28
CA GLN D 82 -18.79 26.37 22.13
C GLN D 82 -18.01 26.66 20.86
N MET D 83 -18.06 25.73 19.93
CA MET D 83 -17.36 25.79 18.65
C MET D 83 -18.32 26.11 17.50
N SER D 84 -18.10 27.23 16.83
CA SER D 84 -18.71 27.54 15.54
C SER D 84 -17.84 27.26 14.34
N SER D 85 -18.44 27.34 13.14
CA SER D 85 -17.71 27.16 11.86
C SER D 85 -16.69 26.03 11.91
N LEU D 86 -17.20 24.82 12.13
CA LEU D 86 -16.33 23.68 12.37
C LEU D 86 -15.75 23.15 11.07
N ARG D 87 -14.45 22.94 11.04
CA ARG D 87 -13.72 22.51 9.85
C ARG D 87 -13.29 21.06 9.97
N SER D 88 -12.86 20.50 8.84
CA SER D 88 -12.27 19.17 8.89
C SER D 88 -11.04 19.16 9.77
N GLY D 89 -10.16 20.15 9.63
CA GLY D 89 -8.96 20.26 10.44
C GLY D 89 -9.26 20.43 11.91
N ASP D 90 -10.49 20.17 12.32
CA ASP D 90 -10.92 20.31 13.71
C ASP D 90 -11.23 18.97 14.37
N THR D 91 -11.11 17.87 13.64
CA THR D 91 -11.26 16.56 14.26
C THR D 91 -10.18 16.36 15.32
N ALA D 92 -10.60 15.90 16.50
CA ALA D 92 -9.66 15.54 17.54
C ALA D 92 -10.42 15.05 18.75
N MET D 93 -9.66 14.51 19.69
CA MET D 93 -10.13 14.30 21.05
C MET D 93 -9.85 15.56 21.85
N TYR D 94 -10.88 16.09 22.51
CA TYR D 94 -10.80 17.32 23.30
C TYR D 94 -10.78 16.99 24.79
N TYR D 95 -9.73 17.43 25.48
CA TYR D 95 -9.58 17.30 26.92
C TYR D 95 -9.76 18.67 27.59
N CYS D 96 -10.29 18.67 28.82
CA CYS D 96 -10.19 19.83 29.71
C CYS D 96 -9.09 19.61 30.74
N ALA D 97 -8.19 20.56 30.84
CA ALA D 97 -7.08 20.49 31.78
C ALA D 97 -7.28 21.51 32.89
N ARG D 98 -6.70 21.25 34.04
CA ARG D 98 -6.62 22.27 35.06
C ARG D 98 -5.22 22.86 35.05
N ARG D 99 -5.13 24.18 35.17
CA ARG D 99 -3.87 24.91 35.00
C ARG D 99 -3.44 25.51 36.34
N VAL D 100 -2.49 24.85 36.97
CA VAL D 100 -1.90 25.31 38.21
C VAL D 100 -0.63 26.12 37.90
N THR D 101 -0.19 26.90 38.88
CA THR D 101 0.89 27.87 38.68
C THR D 101 2.20 27.29 39.20
N THR D 102 3.22 27.34 38.35
CA THR D 102 4.56 26.82 38.60
C THR D 102 5.29 27.96 39.31
N VAL D 103 6.62 27.87 39.43
CA VAL D 103 7.42 28.97 40.00
C VAL D 103 7.17 30.27 39.22
N ALA D 104 7.41 30.25 37.91
CA ALA D 104 7.28 31.42 37.05
C ALA D 104 6.32 31.19 35.91
N GLU D 105 5.89 29.96 35.67
CA GLU D 105 5.01 29.64 34.55
C GLU D 105 3.84 28.83 35.10
N TYR D 106 3.18 28.11 34.21
CA TYR D 106 2.01 27.31 34.57
C TYR D 106 2.28 25.85 34.19
N TYR D 107 1.22 25.04 34.24
CA TYR D 107 1.34 23.61 34.04
C TYR D 107 -0.06 23.02 34.11
N PHE D 108 -0.28 21.93 33.38
CA PHE D 108 -1.59 21.28 33.32
C PHE D 108 -1.50 20.01 34.17
N ASP D 109 -1.95 20.09 35.43
CA ASP D 109 -1.69 19.01 36.36
C ASP D 109 -2.65 17.85 36.21
N TYR D 110 -3.92 18.11 35.87
CA TYR D 110 -4.89 17.03 35.69
C TYR D 110 -5.62 17.20 34.38
N TRP D 111 -5.90 16.06 33.72
CA TRP D 111 -6.55 16.01 32.41
C TRP D 111 -7.71 15.03 32.47
N GLY D 112 -8.87 15.44 31.95
CA GLY D 112 -10.04 14.60 31.93
C GLY D 112 -9.95 13.42 30.96
N GLN D 113 -11.10 12.76 30.79
CA GLN D 113 -11.21 11.60 29.92
C GLN D 113 -11.23 12.00 28.45
N GLY D 114 -11.74 13.18 28.16
CA GLY D 114 -11.87 13.59 26.78
C GLY D 114 -13.16 13.10 26.18
N THR D 115 -13.74 13.94 25.32
CA THR D 115 -14.69 13.51 24.32
C THR D 115 -14.04 13.57 22.94
N THR D 116 -14.73 12.98 21.96
CA THR D 116 -14.18 12.87 20.63
C THR D 116 -15.14 13.52 19.63
N LEU D 117 -14.61 14.45 18.83
CA LEU D 117 -15.33 15.18 17.81
C LEU D 117 -14.78 14.76 16.46
N THR D 118 -15.62 14.13 15.65
CA THR D 118 -15.32 13.82 14.26
C THR D 118 -16.14 14.76 13.40
N VAL D 119 -15.47 15.66 12.67
CA VAL D 119 -16.11 16.53 11.68
C VAL D 119 -15.79 16.00 10.29
N SER D 120 -16.84 15.78 9.48
CA SER D 120 -16.70 15.21 8.15
C SER D 120 -18.06 15.16 7.46
N SER D 121 -18.05 14.83 6.18
CA SER D 121 -19.37 14.65 5.55
C SER D 121 -19.77 13.24 5.09
N PRO D 122 -19.18 12.15 5.59
CA PRO D 122 -19.72 10.82 5.28
C PRO D 122 -20.93 10.48 6.13
N LYS D 123 -21.89 9.84 5.49
CA LYS D 123 -22.99 9.21 6.20
C LYS D 123 -22.46 8.19 7.19
N THR D 124 -23.16 8.03 8.30
CA THR D 124 -22.88 6.90 9.20
C THR D 124 -23.26 5.59 8.52
N THR D 125 -22.39 4.58 8.65
CA THR D 125 -22.71 3.28 8.03
C THR D 125 -22.19 2.11 8.85
N PRO D 126 -23.01 1.07 9.05
CA PRO D 126 -22.60 -0.04 9.89
C PRO D 126 -21.65 -0.93 9.16
N PRO D 127 -20.77 -1.65 9.84
CA PRO D 127 -19.75 -2.45 9.17
C PRO D 127 -20.31 -3.76 8.66
N SER D 128 -19.60 -4.33 7.70
CA SER D 128 -19.75 -5.72 7.31
C SER D 128 -18.73 -6.57 8.06
N VAL D 129 -19.11 -7.78 8.42
CA VAL D 129 -18.19 -8.68 9.08
C VAL D 129 -18.16 -9.99 8.33
N TYR D 130 -16.95 -10.44 8.02
CA TYR D 130 -16.73 -11.64 7.26
C TYR D 130 -15.79 -12.52 8.07
N PRO D 131 -16.07 -13.82 8.19
CA PRO D 131 -15.31 -14.68 9.10
C PRO D 131 -14.01 -15.20 8.48
N LEU D 132 -12.96 -15.26 9.29
CA LEU D 132 -11.64 -15.68 8.85
C LEU D 132 -11.31 -17.08 9.37
N ALA D 133 -11.92 -18.07 8.74
CA ALA D 133 -11.61 -19.45 9.07
C ALA D 133 -10.46 -19.96 8.20
N PRO D 134 -9.73 -20.94 8.68
CA PRO D 134 -8.61 -21.49 7.89
C PRO D 134 -8.99 -22.22 6.59
N ALA D 135 -7.98 -22.69 5.86
CA ALA D 135 -8.19 -23.39 4.60
C ALA D 135 -7.88 -24.89 4.72
N ALA D 140 -3.26 -27.40 10.44
CA ALA D 140 -3.59 -28.24 11.60
C ALA D 140 -2.39 -28.39 12.55
N ALA D 141 -2.52 -27.92 13.79
CA ALA D 141 -1.41 -27.94 14.74
C ALA D 141 -1.97 -27.80 16.16
N SER D 142 -1.09 -27.56 17.15
CA SER D 142 -1.54 -27.57 18.54
C SER D 142 -2.53 -26.46 18.82
N MET D 143 -2.26 -25.25 18.34
CA MET D 143 -3.13 -24.10 18.57
C MET D 143 -3.78 -23.67 17.26
N VAL D 144 -4.89 -22.96 17.38
CA VAL D 144 -5.64 -22.44 16.24
C VAL D 144 -5.76 -20.93 16.39
N THR D 145 -5.45 -20.21 15.34
CA THR D 145 -5.75 -18.78 15.31
C THR D 145 -6.94 -18.53 14.41
N LEU D 146 -7.82 -17.61 14.83
CA LEU D 146 -8.99 -17.23 14.05
C LEU D 146 -9.10 -15.71 14.06
N GLY D 147 -9.91 -15.19 13.11
CA GLY D 147 -10.05 -13.75 12.93
C GLY D 147 -11.46 -13.35 12.54
N CYS D 148 -11.69 -12.03 12.52
CA CYS D 148 -12.94 -11.42 12.08
C CYS D 148 -12.61 -10.11 11.38
N LEU D 149 -12.99 -9.98 10.10
CA LEU D 149 -12.70 -8.77 9.32
C LEU D 149 -13.91 -7.83 9.31
N VAL D 150 -13.66 -6.58 9.67
CA VAL D 150 -14.69 -5.60 9.91
C VAL D 150 -14.47 -4.49 8.87
N LYS D 151 -15.21 -4.55 7.77
CA LYS D 151 -14.91 -3.81 6.56
C LYS D 151 -15.89 -2.66 6.37
N GLY D 152 -15.36 -1.49 6.01
CA GLY D 152 -16.12 -0.31 5.70
C GLY D 152 -17.27 0.24 6.52
N TYR D 153 -16.95 0.69 7.71
CA TYR D 153 -17.86 1.27 8.64
C TYR D 153 -17.40 2.67 8.75
N PHE D 154 -18.24 3.58 9.18
CA PHE D 154 -17.79 4.94 9.28
C PHE D 154 -17.45 5.52 10.60
N PRO D 155 -18.44 5.93 11.50
CA PRO D 155 -17.92 6.64 12.69
C PRO D 155 -16.91 5.77 13.34
N GLU D 156 -15.73 6.26 13.60
CA GLU D 156 -14.61 5.41 13.87
C GLU D 156 -14.67 4.33 14.85
N PRO D 157 -15.41 4.51 15.98
CA PRO D 157 -15.35 3.39 16.94
C PRO D 157 -16.20 2.14 16.76
N VAL D 158 -15.54 1.02 16.89
CA VAL D 158 -16.06 -0.32 16.77
C VAL D 158 -15.47 -1.18 17.90
N THR D 159 -16.13 -2.25 18.30
CA THR D 159 -15.61 -3.18 19.32
C THR D 159 -15.84 -4.62 18.89
N VAL D 160 -14.82 -5.47 19.09
CA VAL D 160 -14.90 -6.88 18.72
C VAL D 160 -14.77 -7.73 19.98
N THR D 161 -15.79 -8.53 20.29
CA THR D 161 -15.79 -9.45 21.42
C THR D 161 -15.85 -10.88 20.90
N TRP D 162 -15.27 -11.82 21.65
CA TRP D 162 -15.14 -13.21 21.23
C TRP D 162 -15.78 -14.12 22.26
N ASN D 163 -16.95 -14.67 21.91
CA ASN D 163 -17.71 -15.53 22.79
C ASN D 163 -18.03 -14.82 24.11
N SER D 164 -18.37 -13.54 24.00
CA SER D 164 -18.87 -12.72 25.11
C SER D 164 -17.80 -12.41 26.14
N GLY D 165 -16.53 -12.48 25.77
CA GLY D 165 -15.45 -12.01 26.63
C GLY D 165 -14.54 -13.08 27.17
N SER D 166 -14.99 -14.34 27.18
CA SER D 166 -14.26 -15.44 27.81
C SER D 166 -12.92 -15.72 27.12
N LEU D 167 -12.73 -15.26 25.88
CA LEU D 167 -11.49 -15.47 25.15
C LEU D 167 -10.55 -14.27 25.18
N SER D 168 -10.86 -13.25 26.00
CA SER D 168 -10.11 -11.99 26.02
C SER D 168 -8.60 -12.16 26.23
N SER D 169 -8.15 -13.33 26.66
CA SER D 169 -6.75 -13.52 27.00
C SER D 169 -5.90 -13.92 25.80
N GLY D 170 -6.52 -14.32 24.69
CA GLY D 170 -5.75 -14.71 23.51
C GLY D 170 -6.13 -13.87 22.30
N VAL D 171 -6.45 -12.59 22.52
CA VAL D 171 -7.05 -11.74 21.51
C VAL D 171 -6.09 -10.60 21.15
N HIS D 172 -5.86 -10.43 19.85
CA HIS D 172 -5.29 -9.20 19.32
C HIS D 172 -6.36 -8.42 18.55
N THR D 173 -6.42 -7.10 18.81
CA THR D 173 -7.31 -6.18 18.09
C THR D 173 -6.43 -5.15 17.38
N PHE D 174 -6.52 -5.12 16.03
CA PHE D 174 -5.60 -4.30 15.23
C PHE D 174 -6.22 -2.96 14.85
N PRO D 175 -5.56 -1.83 15.17
CA PRO D 175 -6.21 -0.52 14.97
C PRO D 175 -6.65 -0.28 13.53
N ALA D 176 -7.74 0.45 13.39
CA ALA D 176 -8.38 0.62 12.09
C ALA D 176 -7.58 1.61 11.25
N VAL D 177 -7.48 1.31 9.96
CA VAL D 177 -6.89 2.22 9.00
C VAL D 177 -7.97 2.62 8.00
N LEU D 178 -7.74 3.73 7.33
CA LEU D 178 -8.72 4.35 6.46
C LEU D 178 -8.57 3.87 5.02
N GLN D 179 -9.69 3.47 4.39
CA GLN D 179 -9.72 2.88 3.04
C GLN D 179 -10.96 3.37 2.30
N SER D 180 -10.77 4.44 1.52
CA SER D 180 -11.84 5.09 0.72
C SER D 180 -12.92 5.68 1.63
N ASP D 181 -12.54 6.71 2.40
CA ASP D 181 -13.39 7.37 3.40
C ASP D 181 -14.24 6.37 4.20
N LEU D 182 -13.66 5.23 4.57
CA LEU D 182 -14.33 4.23 5.35
C LEU D 182 -13.29 3.45 6.13
N TYR D 183 -13.68 2.97 7.30
CA TYR D 183 -12.72 2.35 8.21
C TYR D 183 -12.75 0.84 8.08
N THR D 184 -11.60 0.22 8.35
CA THR D 184 -11.47 -1.23 8.25
C THR D 184 -10.62 -1.78 9.39
N LEU D 185 -11.16 -2.80 10.06
CA LEU D 185 -10.57 -3.43 11.23
C LEU D 185 -10.22 -4.90 11.02
N SER D 186 -9.31 -5.41 11.84
CA SER D 186 -9.03 -6.84 11.96
C SER D 186 -9.16 -7.20 13.44
N SER D 187 -9.26 -8.50 13.73
CA SER D 187 -9.16 -8.97 15.12
C SER D 187 -8.88 -10.46 15.13
N SER D 188 -7.74 -10.84 15.69
CA SER D 188 -7.41 -12.25 15.85
C SER D 188 -7.66 -12.72 17.28
N VAL D 189 -7.82 -14.04 17.39
CA VAL D 189 -7.98 -14.71 18.67
C VAL D 189 -7.29 -16.06 18.51
N THR D 190 -6.90 -16.66 19.60
CA THR D 190 -6.23 -17.94 19.54
C THR D 190 -6.89 -18.88 20.53
N VAL D 191 -7.08 -20.12 20.10
CA VAL D 191 -7.89 -21.06 20.86
C VAL D 191 -7.22 -22.43 20.77
N PRO D 192 -7.13 -23.17 21.87
CA PRO D 192 -6.44 -24.48 21.80
C PRO D 192 -7.19 -25.41 20.87
N SER D 193 -6.46 -25.99 19.91
CA SER D 193 -7.06 -26.76 18.81
C SER D 193 -7.95 -27.88 19.28
N SER D 194 -7.99 -28.17 20.58
CA SER D 194 -8.98 -29.04 21.18
C SER D 194 -10.29 -28.30 21.50
N THR D 195 -10.32 -26.97 21.36
CA THR D 195 -11.55 -26.22 21.59
C THR D 195 -12.26 -25.85 20.31
N TRP D 196 -11.54 -25.84 19.19
CA TRP D 196 -12.12 -25.51 17.90
C TRP D 196 -11.75 -26.58 16.88
N PRO D 197 -12.71 -26.96 16.01
CA PRO D 197 -14.07 -26.44 15.88
C PRO D 197 -15.14 -27.19 16.69
N SER D 198 -14.73 -28.07 17.60
CA SER D 198 -15.69 -28.89 18.33
C SER D 198 -16.55 -28.07 19.27
N GLU D 199 -16.17 -26.82 19.54
CA GLU D 199 -16.97 -25.89 20.32
C GLU D 199 -17.02 -24.53 19.61
N THR D 200 -18.24 -24.05 19.34
CA THR D 200 -18.51 -22.77 18.70
C THR D 200 -17.57 -21.66 19.15
N VAL D 201 -16.84 -21.08 18.22
CA VAL D 201 -16.29 -19.74 18.41
C VAL D 201 -17.20 -18.76 17.68
N THR D 202 -17.52 -17.66 18.33
CA THR D 202 -18.25 -16.59 17.69
C THR D 202 -17.59 -15.27 18.04
N CYS D 203 -17.58 -14.35 17.07
CA CYS D 203 -17.16 -12.98 17.31
C CYS D 203 -18.37 -12.06 17.18
N ASN D 204 -18.36 -11.00 17.96
CA ASN D 204 -19.46 -10.06 18.08
C ASN D 204 -18.89 -8.69 17.75
N VAL D 205 -19.50 -8.00 16.79
CA VAL D 205 -19.07 -6.65 16.42
C VAL D 205 -20.19 -5.69 16.75
N ALA D 206 -19.87 -4.67 17.54
CA ALA D 206 -20.83 -3.66 17.95
C ALA D 206 -20.32 -2.32 17.48
N HIS D 207 -21.14 -1.63 16.68
CA HIS D 207 -20.79 -0.37 16.04
C HIS D 207 -21.79 0.63 16.57
N PRO D 208 -21.53 1.19 17.76
CA PRO D 208 -22.60 1.88 18.50
C PRO D 208 -23.06 3.11 17.79
N ALA D 209 -22.23 3.67 16.92
CA ALA D 209 -22.60 4.87 16.17
C ALA D 209 -23.89 4.64 15.38
N SER D 210 -23.97 3.51 14.66
CA SER D 210 -25.20 3.14 13.98
C SER D 210 -26.07 2.22 14.83
N SER D 211 -25.61 1.84 16.03
CA SER D 211 -26.38 0.99 16.93
C SER D 211 -26.72 -0.35 16.29
N THR D 212 -25.67 -1.03 15.82
CA THR D 212 -25.73 -2.35 15.20
C THR D 212 -24.89 -3.29 16.05
N LYS D 213 -25.15 -4.58 15.92
CA LYS D 213 -24.39 -5.57 16.65
C LYS D 213 -24.58 -6.89 15.91
N VAL D 214 -23.54 -7.36 15.23
CA VAL D 214 -23.63 -8.56 14.39
C VAL D 214 -22.80 -9.67 15.01
N ASP D 215 -23.30 -10.89 14.95
CA ASP D 215 -22.59 -12.09 15.38
C ASP D 215 -22.40 -12.99 14.17
N LYS D 216 -21.18 -13.46 13.95
CA LYS D 216 -20.96 -14.43 12.90
C LYS D 216 -20.17 -15.59 13.47
N LYS D 217 -20.69 -16.80 13.26
CA LYS D 217 -20.06 -18.01 13.76
C LYS D 217 -18.87 -18.36 12.88
N ILE D 218 -17.69 -18.52 13.48
CA ILE D 218 -16.57 -19.10 12.75
C ILE D 218 -16.82 -20.61 12.63
N VAL D 219 -17.01 -21.09 11.41
CA VAL D 219 -17.21 -22.51 11.16
C VAL D 219 -16.07 -22.98 10.26
N PRO D 220 -15.59 -24.21 10.41
CA PRO D 220 -14.43 -24.66 9.63
C PRO D 220 -14.76 -24.76 8.14
N ARG D 221 -13.75 -24.51 7.32
CA ARG D 221 -13.91 -24.54 5.86
C ARG D 221 -13.64 -25.93 5.25
#